data_1AFS
#
_entry.id   1AFS
#
_cell.length_a   96.400
_cell.length_b   157.100
_cell.length_c   49.000
_cell.angle_alpha   90.00
_cell.angle_beta   90.00
_cell.angle_gamma   90.00
#
_symmetry.space_group_name_H-M   'P 21 21 2'
#
loop_
_entity.id
_entity.type
_entity.pdbx_description
1 polymer '3-ALPHA-HYDROXYSTEROID DEHYDROGENASE'
2 non-polymer 'NADP NICOTINAMIDE-ADENINE-DINUCLEOTIDE PHOSPHATE'
3 non-polymer TESTOSTERONE
4 water water
#
_entity_poly.entity_id   1
_entity_poly.type   'polypeptide(L)'
_entity_poly.pdbx_seq_one_letter_code
;MDSISLRVALNDGNFIPVLGFGTTVPEKVAKDEVIKATKIAIDNGFRHFDSAYLYEVEEEVGQAIRSKIEDGTVKREDIF
YTSKLWSTFHRPELVRTCLEKTLKSTQLDYVDLYIIHFPMALQPGDIFFPRDEHGKLLFETVDICDTWEAMEKCKDAGLA
KSIGVSNFNCRQLERILNKPGLKYKPVCNQVECHLYLNQSKMLDYCKSKDIILVSYCTLGSSRDKTWVDQKSPVLLDDPV
LCAIAKKYKQTPALVALRYQLQRGVVPLIRSFNAKRIKELTQVFEFQLASEDMKALDGLNRNFRYNNAKYFDDHPNHPFT
DEN
;
_entity_poly.pdbx_strand_id   A,B
#
# COMPACT_ATOMS: atom_id res chain seq x y z
N MET A 1 -11.22 -0.26 -2.42
CA MET A 1 -10.68 -0.74 -3.73
C MET A 1 -10.16 -2.16 -3.59
N ASP A 2 -9.78 -2.78 -4.70
CA ASP A 2 -9.25 -4.15 -4.71
C ASP A 2 -8.18 -4.27 -3.67
N SER A 3 -8.50 -4.93 -2.57
CA SER A 3 -7.54 -5.07 -1.48
C SER A 3 -6.26 -5.80 -1.88
N ILE A 4 -6.32 -6.64 -2.91
CA ILE A 4 -5.12 -7.34 -3.36
C ILE A 4 -4.27 -6.44 -4.25
N SER A 5 -4.81 -5.24 -4.54
CA SER A 5 -4.10 -4.24 -5.33
C SER A 5 -3.31 -3.30 -4.40
N LEU A 6 -3.66 -3.29 -3.11
CA LEU A 6 -3.02 -2.42 -2.13
C LEU A 6 -1.54 -2.75 -1.97
N ARG A 7 -0.76 -1.76 -1.56
CA ARG A 7 0.68 -1.93 -1.48
C ARG A 7 1.38 -1.89 -0.15
N VAL A 8 2.54 -2.54 -0.12
CA VAL A 8 3.42 -2.58 1.03
C VAL A 8 4.71 -1.84 0.64
N ALA A 9 5.35 -1.26 1.65
CA ALA A 9 6.57 -0.50 1.45
C ALA A 9 7.82 -1.32 1.22
N LEU A 10 8.65 -0.84 0.30
CA LEU A 10 9.94 -1.44 -0.01
C LEU A 10 10.96 -0.52 0.70
N ASN A 11 12.14 -1.03 1.04
CA ASN A 11 13.14 -0.21 1.76
C ASN A 11 13.81 0.90 0.95
N ASP A 12 13.44 1.06 -0.32
CA ASP A 12 14.02 2.10 -1.17
C ASP A 12 13.02 3.20 -1.48
N GLY A 13 11.88 3.17 -0.80
CA GLY A 13 10.87 4.18 -1.03
C GLY A 13 9.77 3.80 -1.98
N ASN A 14 9.88 2.61 -2.57
CA ASN A 14 8.85 2.15 -3.51
C ASN A 14 7.84 1.29 -2.80
N PHE A 15 6.72 1.05 -3.47
CA PHE A 15 5.65 0.25 -2.91
C PHE A 15 5.28 -0.89 -3.85
N ILE A 16 5.04 -2.07 -3.30
CA ILE A 16 4.72 -3.23 -4.10
C ILE A 16 3.32 -3.77 -3.75
N PRO A 17 2.53 -4.14 -4.78
CA PRO A 17 1.18 -4.67 -4.53
C PRO A 17 1.38 -5.93 -3.68
N VAL A 18 0.53 -6.13 -2.69
CA VAL A 18 0.66 -7.25 -1.75
C VAL A 18 0.53 -8.67 -2.31
N LEU A 19 -0.10 -8.82 -3.49
CA LEU A 19 -0.28 -10.15 -4.09
C LEU A 19 0.21 -10.17 -5.53
N GLY A 20 1.14 -11.07 -5.81
CA GLY A 20 1.72 -11.18 -7.14
C GLY A 20 1.23 -12.31 -8.01
N PHE A 21 1.24 -12.08 -9.32
CA PHE A 21 0.79 -13.07 -10.26
C PHE A 21 1.96 -13.55 -11.14
N GLY A 22 2.34 -14.81 -11.00
CA GLY A 22 3.41 -15.38 -11.77
C GLY A 22 3.05 -15.65 -13.22
N THR A 23 4.04 -15.77 -14.07
CA THR A 23 3.80 -15.97 -15.50
C THR A 23 4.47 -17.17 -16.20
N THR A 24 5.07 -18.06 -15.42
CA THR A 24 5.66 -19.26 -16.02
C THR A 24 4.57 -20.08 -16.72
N VAL A 25 4.86 -20.56 -17.93
CA VAL A 25 3.90 -21.40 -18.63
C VAL A 25 4.33 -22.87 -18.52
N PRO A 26 3.43 -23.76 -18.03
CA PRO A 26 3.73 -25.19 -17.89
C PRO A 26 4.14 -25.83 -19.22
N GLU A 27 5.03 -26.82 -19.16
CA GLU A 27 5.57 -27.51 -20.32
C GLU A 27 4.64 -27.83 -21.49
N LYS A 28 3.51 -28.44 -21.18
CA LYS A 28 2.58 -28.78 -22.24
C LYS A 28 1.51 -27.75 -22.56
N VAL A 29 1.53 -26.63 -21.84
CA VAL A 29 0.55 -25.57 -22.05
C VAL A 29 1.06 -24.55 -23.08
N ALA A 30 0.12 -24.00 -23.86
CA ALA A 30 0.41 -23.02 -24.91
C ALA A 30 0.74 -21.63 -24.36
N LYS A 31 1.79 -21.00 -24.89
CA LYS A 31 2.21 -19.67 -24.43
C LYS A 31 1.16 -18.58 -24.52
N ASP A 32 0.17 -18.75 -25.38
CA ASP A 32 -0.88 -17.74 -25.52
C ASP A 32 -1.85 -17.81 -24.34
N GLU A 33 -1.78 -18.86 -23.56
CA GLU A 33 -2.64 -19.00 -22.39
C GLU A 33 -2.28 -17.98 -21.33
N VAL A 34 -1.01 -17.56 -21.32
CA VAL A 34 -0.54 -16.58 -20.35
C VAL A 34 -1.08 -15.20 -20.68
N ILE A 35 -1.44 -14.98 -21.95
CA ILE A 35 -2.00 -13.68 -22.32
C ILE A 35 -3.43 -13.64 -21.80
N LYS A 36 -4.14 -14.75 -21.95
CA LYS A 36 -5.51 -14.86 -21.47
C LYS A 36 -5.53 -14.57 -19.97
N ALA A 37 -4.79 -15.39 -19.21
CA ALA A 37 -4.70 -15.32 -17.75
C ALA A 37 -4.30 -13.96 -17.20
N THR A 38 -3.33 -13.31 -17.85
CA THR A 38 -2.86 -12.01 -17.41
C THR A 38 -3.95 -10.94 -17.52
N LYS A 39 -4.69 -10.95 -18.63
CA LYS A 39 -5.77 -9.98 -18.84
C LYS A 39 -6.84 -10.20 -17.77
N ILE A 40 -7.12 -11.46 -17.49
CA ILE A 40 -8.11 -11.80 -16.49
C ILE A 40 -7.64 -11.38 -15.10
N ALA A 41 -6.35 -11.57 -14.83
CA ALA A 41 -5.80 -11.19 -13.53
C ALA A 41 -5.93 -9.69 -13.36
N ILE A 42 -5.65 -8.96 -14.42
CA ILE A 42 -5.76 -7.52 -14.37
C ILE A 42 -7.20 -7.11 -14.13
N ASP A 43 -8.14 -7.78 -14.81
CA ASP A 43 -9.55 -7.48 -14.65
C ASP A 43 -9.98 -7.77 -13.23
N ASN A 44 -9.32 -8.72 -12.59
CA ASN A 44 -9.65 -9.06 -11.21
C ASN A 44 -8.92 -8.27 -10.11
N GLY A 45 -8.10 -7.30 -10.51
CA GLY A 45 -7.43 -6.50 -9.52
C GLY A 45 -5.99 -6.82 -9.25
N PHE A 46 -5.40 -7.73 -10.03
CA PHE A 46 -4.00 -8.07 -9.82
C PHE A 46 -3.16 -6.97 -10.46
N ARG A 47 -2.20 -6.44 -9.71
CA ARG A 47 -1.35 -5.36 -10.19
C ARG A 47 0.15 -5.66 -10.14
N HIS A 48 0.53 -6.83 -9.63
CA HIS A 48 1.92 -7.24 -9.49
C HIS A 48 2.14 -8.49 -10.35
N PHE A 49 2.98 -8.40 -11.37
CA PHE A 49 3.27 -9.53 -12.28
C PHE A 49 4.72 -9.91 -12.22
N ASP A 50 4.97 -11.19 -11.97
CA ASP A 50 6.33 -11.68 -11.85
C ASP A 50 6.74 -12.48 -13.08
N SER A 51 7.82 -12.07 -13.72
CA SER A 51 8.29 -12.79 -14.89
C SER A 51 9.80 -12.96 -14.83
N ALA A 52 10.41 -13.29 -15.98
CA ALA A 52 11.85 -13.50 -16.02
C ALA A 52 12.33 -13.67 -17.44
N TYR A 53 13.62 -13.46 -17.64
CA TYR A 53 14.22 -13.62 -18.96
C TYR A 53 14.10 -15.10 -19.31
N LEU A 54 14.46 -15.94 -18.37
CA LEU A 54 14.42 -17.39 -18.55
C LEU A 54 13.06 -17.94 -19.02
N TYR A 55 11.95 -17.34 -18.56
CA TYR A 55 10.60 -17.81 -18.90
C TYR A 55 10.22 -17.73 -20.37
N GLU A 56 10.97 -16.94 -21.15
CA GLU A 56 10.70 -16.78 -22.57
C GLU A 56 9.25 -16.39 -22.90
N VAL A 57 8.61 -15.61 -22.03
CA VAL A 57 7.23 -15.19 -22.29
C VAL A 57 7.04 -13.70 -22.06
N GLU A 58 8.13 -12.97 -21.91
CA GLU A 58 8.01 -11.53 -21.66
C GLU A 58 7.37 -10.76 -22.79
N GLU A 59 7.40 -11.31 -24.00
CA GLU A 59 6.79 -10.67 -25.16
C GLU A 59 5.28 -10.81 -25.01
N GLU A 60 4.84 -11.97 -24.55
CA GLU A 60 3.42 -12.24 -24.36
C GLU A 60 2.80 -11.47 -23.21
N VAL A 61 3.50 -11.42 -22.08
CA VAL A 61 3.03 -10.72 -20.89
C VAL A 61 2.95 -9.22 -21.14
N GLY A 62 3.98 -8.69 -21.78
CA GLY A 62 4.02 -7.26 -22.08
C GLY A 62 2.86 -6.87 -22.99
N GLN A 63 2.45 -7.82 -23.82
CA GLN A 63 1.37 -7.65 -24.78
C GLN A 63 0.03 -7.60 -24.03
N ALA A 64 -0.16 -8.51 -23.09
CA ALA A 64 -1.38 -8.54 -22.30
C ALA A 64 -1.50 -7.28 -21.46
N ILE A 65 -0.39 -6.84 -20.86
CA ILE A 65 -0.36 -5.64 -20.03
C ILE A 65 -0.70 -4.38 -20.84
N ARG A 66 0.00 -4.19 -21.96
CA ARG A 66 -0.23 -3.01 -22.78
C ARG A 66 -1.64 -2.90 -23.36
N SER A 67 -2.26 -4.03 -23.66
CA SER A 67 -3.62 -4.01 -24.21
C SER A 67 -4.57 -3.42 -23.18
N LYS A 68 -4.30 -3.72 -21.91
CA LYS A 68 -5.09 -3.24 -20.78
C LYS A 68 -4.78 -1.79 -20.45
N ILE A 69 -3.61 -1.34 -20.88
CA ILE A 69 -3.22 0.05 -20.70
C ILE A 69 -3.91 0.80 -21.85
N GLU A 70 -3.88 0.16 -23.01
CA GLU A 70 -4.46 0.71 -24.21
C GLU A 70 -5.94 0.97 -24.07
N ASP A 71 -6.68 -0.05 -23.65
CA ASP A 71 -8.12 0.08 -23.50
C ASP A 71 -8.53 0.88 -22.25
N GLY A 72 -7.55 1.57 -21.67
CA GLY A 72 -7.82 2.39 -20.50
C GLY A 72 -8.16 1.71 -19.18
N THR A 73 -7.89 0.41 -19.05
CA THR A 73 -8.17 -0.30 -17.78
C THR A 73 -7.18 0.07 -16.66
N VAL A 74 -5.93 0.34 -17.03
CA VAL A 74 -4.87 0.73 -16.09
C VAL A 74 -3.86 1.64 -16.79
N LYS A 75 -2.93 2.19 -16.01
CA LYS A 75 -1.86 3.03 -16.53
C LYS A 75 -0.57 2.29 -16.19
N ARG A 76 0.53 2.60 -16.86
CA ARG A 76 1.78 1.90 -16.58
C ARG A 76 2.04 1.94 -15.09
N GLU A 77 1.80 3.12 -14.51
CA GLU A 77 2.03 3.36 -13.09
C GLU A 77 1.22 2.42 -12.18
N ASP A 78 0.06 1.96 -12.66
CA ASP A 78 -0.78 1.05 -11.89
C ASP A 78 -0.21 -0.37 -11.82
N ILE A 79 0.64 -0.68 -12.79
CA ILE A 79 1.24 -2.01 -12.92
C ILE A 79 2.63 -2.07 -12.31
N PHE A 80 2.89 -3.16 -11.60
CA PHE A 80 4.20 -3.39 -11.00
C PHE A 80 4.72 -4.66 -11.69
N TYR A 81 5.69 -4.50 -12.57
CA TYR A 81 6.26 -5.62 -13.33
C TYR A 81 7.65 -5.99 -12.81
N THR A 82 7.82 -7.27 -12.51
CA THR A 82 9.09 -7.78 -12.02
C THR A 82 9.75 -8.68 -13.08
N SER A 83 11.06 -8.55 -13.26
CA SER A 83 11.77 -9.44 -14.18
C SER A 83 13.04 -9.89 -13.50
N LYS A 84 13.71 -10.89 -14.06
CA LYS A 84 14.91 -11.40 -13.41
C LYS A 84 16.08 -11.57 -14.37
N LEU A 85 17.27 -11.32 -13.85
CA LEU A 85 18.53 -11.41 -14.57
C LEU A 85 18.95 -12.87 -14.66
N TRP A 86 19.20 -13.36 -15.88
CA TRP A 86 19.61 -14.74 -16.01
C TRP A 86 21.12 -14.95 -15.73
N SER A 87 21.46 -16.13 -15.24
CA SER A 87 22.83 -16.51 -14.86
C SER A 87 23.95 -16.30 -15.87
N THR A 88 23.60 -16.35 -17.15
CA THR A 88 24.58 -16.18 -18.22
C THR A 88 24.97 -14.70 -18.42
N PHE A 89 24.26 -13.78 -17.77
CA PHE A 89 24.53 -12.36 -17.87
C PHE A 89 25.04 -11.80 -16.57
N HIS A 90 25.65 -12.65 -15.74
CA HIS A 90 26.14 -12.20 -14.44
C HIS A 90 27.38 -11.33 -14.48
N ARG A 91 28.09 -11.37 -15.61
CA ARG A 91 29.30 -10.55 -15.77
C ARG A 91 28.82 -9.11 -15.80
N PRO A 92 29.42 -8.27 -14.96
CA PRO A 92 29.09 -6.85 -14.81
C PRO A 92 28.72 -6.15 -16.10
N GLU A 93 29.48 -6.38 -17.15
CA GLU A 93 29.21 -5.72 -18.43
C GLU A 93 28.02 -6.27 -19.20
N LEU A 94 27.49 -7.40 -18.74
CA LEU A 94 26.35 -8.02 -19.42
C LEU A 94 24.99 -7.80 -18.74
N VAL A 95 25.00 -7.40 -17.47
CA VAL A 95 23.76 -7.18 -16.70
C VAL A 95 22.74 -6.28 -17.39
N ARG A 96 23.17 -5.10 -17.82
CA ARG A 96 22.26 -4.18 -18.49
C ARG A 96 21.81 -4.67 -19.87
N THR A 97 22.61 -5.54 -20.47
CA THR A 97 22.26 -6.08 -21.78
C THR A 97 21.04 -6.98 -21.63
N CYS A 98 21.02 -7.76 -20.54
CA CYS A 98 19.93 -8.67 -20.26
C CYS A 98 18.66 -7.87 -20.02
N LEU A 99 18.78 -6.82 -19.21
CA LEU A 99 17.65 -5.95 -18.91
C LEU A 99 17.11 -5.24 -20.15
N GLU A 100 18.01 -4.80 -21.02
CA GLU A 100 17.57 -4.12 -22.22
C GLU A 100 16.82 -5.02 -23.18
N LYS A 101 17.05 -6.33 -23.08
CA LYS A 101 16.36 -7.31 -23.91
C LYS A 101 14.94 -7.46 -23.38
N THR A 102 14.80 -7.43 -22.05
CA THR A 102 13.52 -7.52 -21.38
C THR A 102 12.68 -6.30 -21.76
N LEU A 103 13.30 -5.14 -21.68
CA LEU A 103 12.61 -3.88 -22.03
C LEU A 103 12.15 -3.88 -23.47
N LYS A 104 13.00 -4.38 -24.36
CA LYS A 104 12.67 -4.44 -25.78
C LYS A 104 11.49 -5.41 -25.98
N SER A 105 11.54 -6.56 -25.32
CA SER A 105 10.50 -7.57 -25.42
C SER A 105 9.14 -7.11 -24.87
N THR A 106 9.16 -6.61 -23.64
CA THR A 106 7.91 -6.19 -23.00
C THR A 106 7.35 -4.90 -23.53
N GLN A 107 8.24 -4.03 -24.01
CA GLN A 107 7.84 -2.73 -24.53
C GLN A 107 7.37 -1.81 -23.41
N LEU A 108 7.84 -2.09 -22.19
CA LEU A 108 7.56 -1.28 -21.01
C LEU A 108 8.82 -0.41 -21.02
N ASP A 109 8.77 0.78 -20.43
CA ASP A 109 9.97 1.63 -20.50
C ASP A 109 10.97 1.38 -19.37
N TYR A 110 10.53 0.60 -18.39
CA TYR A 110 11.34 0.24 -17.26
C TYR A 110 10.63 -0.90 -16.55
N VAL A 111 11.37 -1.60 -15.70
CA VAL A 111 10.78 -2.65 -14.90
C VAL A 111 10.73 -2.05 -13.49
N ASP A 112 9.67 -2.34 -12.76
CA ASP A 112 9.52 -1.84 -11.40
C ASP A 112 10.48 -2.49 -10.42
N LEU A 113 10.80 -3.75 -10.69
CA LEU A 113 11.72 -4.50 -9.85
C LEU A 113 12.52 -5.44 -10.74
N TYR A 114 13.84 -5.37 -10.62
CA TYR A 114 14.71 -6.25 -11.39
C TYR A 114 15.52 -7.05 -10.36
N ILE A 115 15.48 -8.38 -10.43
CA ILE A 115 16.22 -9.17 -9.45
C ILE A 115 17.16 -10.23 -10.01
N ILE A 116 18.17 -10.61 -9.21
CA ILE A 116 19.11 -11.65 -9.62
C ILE A 116 18.40 -12.99 -9.41
N HIS A 117 18.12 -13.71 -10.49
CA HIS A 117 17.39 -14.97 -10.42
C HIS A 117 18.01 -16.05 -9.53
N PHE A 118 19.33 -16.22 -9.61
CA PHE A 118 20.06 -17.22 -8.81
C PHE A 118 21.44 -16.64 -8.54
N PRO A 119 22.04 -16.99 -7.40
CA PRO A 119 23.37 -16.49 -7.05
C PRO A 119 24.48 -17.31 -7.72
N MET A 120 24.21 -17.77 -8.94
CA MET A 120 25.16 -18.61 -9.66
C MET A 120 25.35 -18.13 -11.09
N ALA A 121 26.61 -17.86 -11.45
CA ALA A 121 26.94 -17.39 -12.79
C ALA A 121 27.26 -18.57 -13.72
N LEU A 122 26.80 -18.47 -14.95
CA LEU A 122 27.06 -19.49 -15.96
C LEU A 122 27.75 -18.77 -17.10
N GLN A 123 28.48 -19.52 -17.92
CA GLN A 123 29.20 -18.95 -19.04
C GLN A 123 28.30 -18.18 -20.00
N PRO A 124 28.73 -16.98 -20.43
CA PRO A 124 27.94 -16.15 -21.36
C PRO A 124 27.62 -16.91 -22.65
N GLY A 125 26.52 -16.55 -23.30
CA GLY A 125 26.14 -17.23 -24.52
C GLY A 125 24.66 -17.18 -24.81
N ASP A 126 24.21 -17.99 -25.76
CA ASP A 126 22.81 -18.02 -26.17
C ASP A 126 21.99 -19.14 -25.55
N ILE A 127 22.62 -20.04 -24.82
CA ILE A 127 21.93 -21.14 -24.17
C ILE A 127 21.79 -20.81 -22.69
N PHE A 128 20.63 -21.12 -22.12
CA PHE A 128 20.40 -20.84 -20.70
C PHE A 128 21.31 -21.65 -19.79
N PHE A 129 21.46 -22.94 -20.09
CA PHE A 129 22.32 -23.81 -19.30
C PHE A 129 23.38 -24.42 -20.20
N PRO A 130 24.47 -23.67 -20.43
CA PRO A 130 25.57 -24.14 -21.29
C PRO A 130 26.38 -25.29 -20.68
N ARG A 131 26.47 -26.39 -21.43
CA ARG A 131 27.21 -27.57 -21.00
C ARG A 131 28.21 -27.98 -22.07
N ASP A 132 29.27 -28.66 -21.68
CA ASP A 132 30.21 -29.10 -22.69
C ASP A 132 29.65 -30.35 -23.36
N GLU A 133 30.42 -30.94 -24.28
CA GLU A 133 29.96 -32.14 -25.00
C GLU A 133 29.80 -33.37 -24.11
N HIS A 134 30.41 -33.31 -22.93
CA HIS A 134 30.30 -34.42 -22.02
C HIS A 134 29.30 -34.11 -20.90
N GLY A 135 28.47 -33.09 -21.16
CA GLY A 135 27.45 -32.70 -20.20
C GLY A 135 27.83 -31.81 -19.03
N LYS A 136 29.12 -31.57 -18.83
CA LYS A 136 29.48 -30.72 -17.71
C LYS A 136 28.90 -29.32 -17.93
N LEU A 137 28.34 -28.76 -16.86
CA LEU A 137 27.75 -27.42 -16.88
C LEU A 137 28.88 -26.41 -16.85
N LEU A 138 28.84 -25.48 -17.81
CA LEU A 138 29.85 -24.44 -17.93
C LEU A 138 29.53 -23.20 -17.08
N PHE A 139 30.00 -23.22 -15.85
CA PHE A 139 29.74 -22.11 -14.96
C PHE A 139 30.95 -21.24 -14.77
N GLU A 140 30.75 -20.13 -14.06
CA GLU A 140 31.79 -19.17 -13.74
C GLU A 140 31.65 -18.78 -12.29
N THR A 141 32.71 -18.16 -11.78
CA THR A 141 32.71 -17.74 -10.39
C THR A 141 32.57 -16.23 -10.20
N VAL A 142 31.83 -15.57 -11.08
CA VAL A 142 31.62 -14.13 -10.95
C VAL A 142 31.05 -13.83 -9.56
N ASP A 143 31.68 -12.89 -8.88
CA ASP A 143 31.30 -12.47 -7.54
C ASP A 143 29.96 -11.73 -7.56
N ILE A 144 29.03 -12.16 -6.71
CA ILE A 144 27.71 -11.55 -6.65
C ILE A 144 27.79 -10.06 -6.36
N CYS A 145 28.80 -9.67 -5.56
CA CYS A 145 29.00 -8.27 -5.25
C CYS A 145 29.30 -7.47 -6.50
N ASP A 146 29.94 -8.10 -7.47
CA ASP A 146 30.27 -7.42 -8.72
C ASP A 146 29.04 -7.30 -9.61
N THR A 147 28.23 -8.35 -9.64
CA THR A 147 27.00 -8.32 -10.42
C THR A 147 26.03 -7.32 -9.76
N TRP A 148 26.06 -7.25 -8.42
CA TRP A 148 25.19 -6.34 -7.68
C TRP A 148 25.48 -4.90 -8.02
N GLU A 149 26.75 -4.54 -8.15
CA GLU A 149 27.11 -3.17 -8.52
C GLU A 149 26.53 -2.84 -9.87
N ALA A 150 26.51 -3.83 -10.78
CA ALA A 150 25.95 -3.60 -12.10
C ALA A 150 24.45 -3.38 -11.99
N MET A 151 23.82 -4.03 -11.01
CA MET A 151 22.37 -3.89 -10.79
C MET A 151 22.06 -2.49 -10.26
N GLU A 152 22.91 -1.98 -9.37
CA GLU A 152 22.73 -0.63 -8.82
C GLU A 152 22.72 0.44 -9.90
N LYS A 153 23.57 0.28 -10.90
CA LYS A 153 23.67 1.21 -12.03
C LYS A 153 22.43 1.22 -12.90
N CYS A 154 21.78 0.06 -13.04
CA CYS A 154 20.53 -0.04 -13.81
C CYS A 154 19.46 0.74 -13.05
N LYS A 155 19.58 0.78 -11.72
CA LYS A 155 18.64 1.56 -10.91
C LYS A 155 18.95 3.05 -11.08
N ASP A 156 20.23 3.40 -11.01
CA ASP A 156 20.67 4.79 -11.20
C ASP A 156 20.30 5.29 -12.59
N ALA A 157 20.32 4.38 -13.57
CA ALA A 157 19.99 4.72 -14.95
C ALA A 157 18.50 4.85 -15.16
N GLY A 158 17.70 4.46 -14.16
CA GLY A 158 16.26 4.54 -14.26
C GLY A 158 15.59 3.38 -14.99
N LEU A 159 16.38 2.39 -15.40
CA LEU A 159 15.83 1.23 -16.11
C LEU A 159 15.07 0.28 -15.18
N ALA A 160 15.39 0.30 -13.88
CA ALA A 160 14.73 -0.53 -12.89
C ALA A 160 14.47 0.36 -11.71
N LYS A 161 13.21 0.46 -11.26
CA LYS A 161 12.87 1.30 -10.10
C LYS A 161 13.40 0.70 -8.80
N SER A 162 13.39 -0.63 -8.69
CA SER A 162 13.90 -1.32 -7.52
C SER A 162 14.70 -2.53 -7.96
N ILE A 163 15.62 -2.96 -7.11
CA ILE A 163 16.47 -4.14 -7.37
C ILE A 163 16.48 -5.08 -6.18
N GLY A 164 16.53 -6.39 -6.46
CA GLY A 164 16.54 -7.38 -5.41
C GLY A 164 17.19 -8.67 -5.87
N VAL A 165 17.06 -9.71 -5.06
CA VAL A 165 17.65 -11.01 -5.35
C VAL A 165 16.59 -12.12 -5.21
N SER A 166 16.95 -13.32 -5.62
CA SER A 166 16.07 -14.48 -5.55
C SER A 166 16.96 -15.69 -5.29
N ASN A 167 16.46 -16.66 -4.52
CA ASN A 167 17.18 -17.89 -4.21
C ASN A 167 18.55 -17.71 -3.52
N PHE A 168 18.68 -16.65 -2.74
CA PHE A 168 19.91 -16.38 -2.00
C PHE A 168 19.75 -16.92 -0.59
N ASN A 169 20.82 -17.48 -0.02
CA ASN A 169 20.77 -17.96 1.35
C ASN A 169 21.28 -16.81 2.23
N CYS A 170 21.21 -16.96 3.55
CA CYS A 170 21.64 -15.88 4.45
C CYS A 170 23.09 -15.44 4.26
N ARG A 171 23.97 -16.40 3.99
CA ARG A 171 25.37 -16.08 3.80
C ARG A 171 25.55 -15.18 2.57
N GLN A 172 24.88 -15.53 1.48
CA GLN A 172 24.99 -14.75 0.26
C GLN A 172 24.40 -13.36 0.43
N LEU A 173 23.35 -13.29 1.25
CA LEU A 173 22.65 -12.05 1.52
C LEU A 173 23.53 -11.14 2.36
N GLU A 174 24.15 -11.74 3.38
CA GLU A 174 25.04 -11.02 4.28
C GLU A 174 26.22 -10.48 3.48
N ARG A 175 26.68 -11.28 2.52
CA ARG A 175 27.80 -10.90 1.67
C ARG A 175 27.53 -9.56 0.97
N ILE A 176 26.32 -9.39 0.45
CA ILE A 176 25.93 -8.16 -0.24
C ILE A 176 25.66 -6.98 0.72
N LEU A 177 25.02 -7.26 1.84
CA LEU A 177 24.71 -6.21 2.81
C LEU A 177 25.97 -5.61 3.44
N ASN A 178 27.01 -6.42 3.55
CA ASN A 178 28.24 -5.96 4.14
C ASN A 178 29.24 -5.49 3.11
N LYS A 179 28.85 -5.52 1.85
CA LYS A 179 29.74 -5.08 0.79
C LYS A 179 30.11 -3.62 0.99
N PRO A 180 31.40 -3.30 0.87
CA PRO A 180 31.87 -1.93 1.03
C PRO A 180 31.41 -1.11 -0.17
N GLY A 181 30.89 0.07 0.12
CA GLY A 181 30.41 0.94 -0.94
C GLY A 181 29.00 0.60 -1.38
N LEU A 182 28.34 -0.32 -0.66
CA LEU A 182 26.98 -0.71 -1.00
C LEU A 182 26.16 0.56 -1.11
N LYS A 183 25.46 0.70 -2.23
CA LYS A 183 24.66 1.90 -2.46
C LYS A 183 23.18 1.61 -2.25
N TYR A 184 22.74 0.46 -2.75
CA TYR A 184 21.35 0.03 -2.65
C TYR A 184 21.27 -1.37 -2.10
N LYS A 185 20.46 -1.52 -1.06
CA LYS A 185 20.23 -2.78 -0.38
C LYS A 185 19.13 -3.51 -1.18
N PRO A 186 19.20 -4.86 -1.22
CA PRO A 186 18.19 -5.66 -1.94
C PRO A 186 16.82 -5.38 -1.29
N VAL A 187 15.79 -5.08 -2.06
CA VAL A 187 14.48 -4.82 -1.45
C VAL A 187 13.70 -6.09 -1.07
N CYS A 188 14.13 -7.23 -1.62
CA CYS A 188 13.44 -8.48 -1.35
C CYS A 188 14.34 -9.65 -1.67
N ASN A 189 13.90 -10.83 -1.22
CA ASN A 189 14.58 -12.08 -1.53
C ASN A 189 13.39 -12.98 -1.88
N GLN A 190 13.25 -13.26 -3.18
CA GLN A 190 12.19 -14.15 -3.65
C GLN A 190 12.68 -15.61 -3.55
N VAL A 191 12.10 -16.34 -2.62
CA VAL A 191 12.48 -17.72 -2.38
C VAL A 191 11.25 -18.60 -2.24
N GLU A 192 11.46 -19.91 -2.27
CA GLU A 192 10.38 -20.89 -2.12
C GLU A 192 9.90 -20.85 -0.66
N CYS A 193 8.59 -20.69 -0.46
CA CYS A 193 8.05 -20.62 0.89
C CYS A 193 6.61 -21.06 0.86
N HIS A 194 6.28 -22.05 1.67
CA HIS A 194 4.93 -22.59 1.76
C HIS A 194 4.84 -23.30 3.11
N LEU A 195 3.77 -24.07 3.34
CA LEU A 195 3.59 -24.79 4.61
C LEU A 195 4.66 -25.83 5.00
N TYR A 196 5.28 -26.47 4.00
CA TYR A 196 6.31 -27.48 4.23
C TYR A 196 7.73 -26.92 4.30
N LEU A 197 7.86 -25.64 3.98
CA LEU A 197 9.16 -24.95 3.99
C LEU A 197 8.78 -23.49 4.27
N ASN A 198 8.43 -23.19 5.52
CA ASN A 198 8.00 -21.85 5.87
C ASN A 198 9.05 -20.76 6.02
N GLN A 199 10.32 -21.15 6.04
CA GLN A 199 11.44 -20.22 6.09
C GLN A 199 11.42 -19.22 7.24
N SER A 200 11.18 -19.70 8.44
CA SER A 200 11.09 -18.82 9.60
C SER A 200 12.37 -18.07 9.92
N LYS A 201 13.51 -18.73 9.76
CA LYS A 201 14.79 -18.09 10.03
C LYS A 201 15.07 -17.00 8.99
N MET A 202 14.88 -17.34 7.72
CA MET A 202 15.07 -16.40 6.62
C MET A 202 14.10 -15.24 6.81
N LEU A 203 12.86 -15.56 7.20
CA LEU A 203 11.86 -14.53 7.41
C LEU A 203 12.30 -13.59 8.53
N ASP A 204 12.89 -14.15 9.58
CA ASP A 204 13.37 -13.35 10.71
C ASP A 204 14.54 -12.48 10.29
N TYR A 205 15.44 -13.07 9.52
CA TYR A 205 16.62 -12.37 9.01
C TYR A 205 16.20 -11.20 8.15
N CYS A 206 15.32 -11.47 7.21
CA CYS A 206 14.83 -10.43 6.32
C CYS A 206 14.14 -9.30 7.08
N LYS A 207 13.35 -9.64 8.09
CA LYS A 207 12.65 -8.62 8.87
C LYS A 207 13.61 -7.67 9.57
N SER A 208 14.71 -8.22 10.07
CA SER A 208 15.70 -7.42 10.76
C SER A 208 16.48 -6.51 9.83
N LYS A 209 16.49 -6.84 8.54
CA LYS A 209 17.21 -6.05 7.53
C LYS A 209 16.30 -5.21 6.65
N ASP A 210 15.00 -5.28 6.87
CA ASP A 210 14.03 -4.54 6.06
C ASP A 210 14.04 -5.02 4.63
N ILE A 211 14.17 -6.33 4.47
CA ILE A 211 14.16 -6.98 3.18
C ILE A 211 12.86 -7.80 3.19
N ILE A 212 12.01 -7.69 2.17
CA ILE A 212 10.79 -8.50 2.21
C ILE A 212 11.00 -9.86 1.58
N LEU A 213 10.29 -10.85 2.13
CA LEU A 213 10.34 -12.21 1.63
C LEU A 213 9.17 -12.33 0.65
N VAL A 214 9.47 -12.54 -0.62
CA VAL A 214 8.45 -12.74 -1.64
C VAL A 214 8.50 -14.27 -1.86
N SER A 215 7.37 -14.94 -1.72
CA SER A 215 7.36 -16.39 -1.84
C SER A 215 6.84 -16.95 -3.15
N TYR A 216 7.40 -18.08 -3.57
CA TYR A 216 6.96 -18.74 -4.78
C TYR A 216 6.67 -20.20 -4.40
N CYS A 217 5.88 -20.90 -5.21
CA CYS A 217 5.46 -22.27 -4.88
C CYS A 217 4.66 -22.20 -3.56
N THR A 218 3.97 -21.07 -3.40
CA THR A 218 3.15 -20.77 -2.22
C THR A 218 2.07 -21.84 -2.02
N LEU A 219 1.54 -22.36 -3.13
CA LEU A 219 0.49 -23.37 -3.10
C LEU A 219 1.04 -24.77 -3.36
N GLY A 220 2.35 -24.93 -3.22
CA GLY A 220 2.97 -26.23 -3.45
C GLY A 220 3.39 -26.48 -4.88
N SER A 221 3.59 -25.41 -5.64
CA SER A 221 4.04 -25.46 -7.03
C SER A 221 3.07 -26.07 -8.04
N SER A 222 3.49 -26.01 -9.31
CA SER A 222 2.70 -26.52 -10.42
C SER A 222 2.91 -28.01 -10.74
N ARG A 223 3.79 -28.66 -9.98
CA ARG A 223 4.11 -30.09 -10.14
C ARG A 223 4.47 -30.44 -11.58
N ASP A 224 5.16 -29.51 -12.22
CA ASP A 224 5.62 -29.64 -13.60
C ASP A 224 6.67 -30.73 -13.51
N LYS A 225 6.46 -31.84 -14.22
CA LYS A 225 7.38 -32.96 -14.17
C LYS A 225 8.79 -32.69 -14.70
N THR A 226 8.96 -31.61 -15.45
CA THR A 226 10.29 -31.28 -15.95
C THR A 226 11.15 -30.77 -14.79
N TRP A 227 10.52 -30.32 -13.71
CA TRP A 227 11.29 -29.84 -12.58
C TRP A 227 10.77 -30.20 -11.17
N VAL A 228 9.55 -30.74 -11.08
CA VAL A 228 9.03 -31.14 -9.78
C VAL A 228 8.96 -32.68 -9.70
N ASP A 229 9.52 -33.23 -8.63
CA ASP A 229 9.53 -34.68 -8.39
C ASP A 229 8.11 -35.13 -8.17
N GLN A 230 7.61 -36.01 -9.03
CA GLN A 230 6.24 -36.50 -8.91
C GLN A 230 5.93 -37.31 -7.62
N LYS A 231 6.95 -37.68 -6.87
CA LYS A 231 6.78 -38.45 -5.63
C LYS A 231 6.84 -37.53 -4.42
N SER A 232 6.62 -36.24 -4.66
CA SER A 232 6.65 -35.26 -3.58
C SER A 232 5.24 -35.09 -3.00
N PRO A 233 5.14 -34.64 -1.73
CA PRO A 233 3.82 -34.46 -1.13
C PRO A 233 3.00 -33.36 -1.81
N VAL A 234 1.69 -33.56 -1.91
CA VAL A 234 0.79 -32.58 -2.48
C VAL A 234 0.33 -31.73 -1.31
N LEU A 235 0.80 -30.48 -1.28
CA LEU A 235 0.50 -29.55 -0.20
C LEU A 235 -0.98 -29.30 0.08
N LEU A 236 -1.75 -29.04 -0.96
CA LEU A 236 -3.16 -28.73 -0.80
C LEU A 236 -4.06 -29.87 -0.35
N ASP A 237 -3.48 -31.06 -0.23
CA ASP A 237 -4.24 -32.22 0.22
C ASP A 237 -3.96 -32.47 1.70
N ASP A 238 -2.99 -31.75 2.27
CA ASP A 238 -2.63 -31.94 3.65
C ASP A 238 -3.86 -31.92 4.58
N PRO A 239 -4.03 -32.98 5.37
CA PRO A 239 -5.14 -33.16 6.30
C PRO A 239 -5.36 -31.96 7.22
N VAL A 240 -4.30 -31.52 7.88
CA VAL A 240 -4.39 -30.38 8.80
C VAL A 240 -4.81 -29.11 8.09
N LEU A 241 -4.34 -28.92 6.87
CA LEU A 241 -4.70 -27.73 6.11
C LEU A 241 -6.17 -27.80 5.72
N CYS A 242 -6.62 -28.98 5.31
CA CYS A 242 -8.02 -29.18 4.90
C CYS A 242 -9.02 -29.09 6.05
N ALA A 243 -8.60 -29.47 7.25
CA ALA A 243 -9.44 -29.40 8.43
C ALA A 243 -9.68 -27.92 8.77
N ILE A 244 -8.59 -27.15 8.80
CA ILE A 244 -8.62 -25.72 9.09
C ILE A 244 -9.40 -24.96 8.03
N ALA A 245 -9.21 -25.32 6.78
CA ALA A 245 -9.94 -24.68 5.68
C ALA A 245 -11.42 -24.93 5.88
N LYS A 246 -11.74 -26.15 6.30
CA LYS A 246 -13.11 -26.58 6.54
C LYS A 246 -13.70 -25.77 7.70
N LYS A 247 -12.87 -25.54 8.72
CA LYS A 247 -13.24 -24.77 9.91
C LYS A 247 -13.58 -23.31 9.61
N TYR A 248 -13.02 -22.76 8.54
CA TYR A 248 -13.28 -21.37 8.18
C TYR A 248 -14.18 -21.28 6.95
N LYS A 249 -14.64 -22.42 6.47
CA LYS A 249 -15.48 -22.48 5.27
C LYS A 249 -14.74 -21.90 4.06
N GLN A 250 -13.41 -22.05 4.07
CA GLN A 250 -12.54 -21.56 3.01
C GLN A 250 -11.84 -22.72 2.32
N THR A 251 -11.23 -22.46 1.17
CA THR A 251 -10.50 -23.49 0.45
C THR A 251 -9.09 -23.58 1.02
N PRO A 252 -8.42 -24.72 0.82
CA PRO A 252 -7.05 -24.94 1.30
C PRO A 252 -6.11 -23.92 0.68
N ALA A 253 -6.33 -23.62 -0.61
CA ALA A 253 -5.50 -22.66 -1.33
C ALA A 253 -5.55 -21.33 -0.59
N LEU A 254 -6.77 -20.86 -0.29
CA LEU A 254 -6.96 -19.61 0.43
C LEU A 254 -6.31 -19.63 1.80
N VAL A 255 -6.38 -20.77 2.49
CA VAL A 255 -5.75 -20.88 3.81
C VAL A 255 -4.22 -20.91 3.72
N ALA A 256 -3.68 -21.54 2.66
CA ALA A 256 -2.23 -21.64 2.47
C ALA A 256 -1.66 -20.26 2.14
N LEU A 257 -2.44 -19.49 1.39
CA LEU A 257 -2.09 -18.13 0.98
C LEU A 257 -2.20 -17.14 2.15
N ARG A 258 -3.32 -17.18 2.85
CA ARG A 258 -3.58 -16.28 3.99
C ARG A 258 -2.53 -16.41 5.06
N TYR A 259 -2.05 -17.63 5.26
CA TYR A 259 -1.02 -17.91 6.24
C TYR A 259 0.22 -17.07 5.96
N GLN A 260 0.59 -16.99 4.68
CA GLN A 260 1.76 -16.22 4.28
C GLN A 260 1.54 -14.73 4.51
N LEU A 261 0.42 -14.22 4.03
CA LEU A 261 0.10 -12.81 4.22
C LEU A 261 0.12 -12.48 5.69
N GLN A 262 -0.49 -13.32 6.51
CA GLN A 262 -0.50 -13.05 7.95
C GLN A 262 0.86 -13.03 8.61
N ARG A 263 1.84 -13.72 8.04
CA ARG A 263 3.16 -13.69 8.65
C ARG A 263 4.12 -12.63 8.06
N GLY A 264 3.60 -11.80 7.17
CA GLY A 264 4.41 -10.73 6.61
C GLY A 264 5.05 -11.02 5.27
N VAL A 265 4.70 -12.14 4.66
CA VAL A 265 5.25 -12.51 3.36
C VAL A 265 4.41 -11.91 2.23
N VAL A 266 5.07 -11.44 1.16
CA VAL A 266 4.36 -10.92 0.00
C VAL A 266 4.37 -12.13 -0.94
N PRO A 267 3.22 -12.82 -1.05
CA PRO A 267 3.14 -14.01 -1.90
C PRO A 267 2.86 -13.88 -3.38
N LEU A 268 3.40 -14.85 -4.12
CA LEU A 268 3.19 -14.96 -5.55
C LEU A 268 2.31 -16.18 -5.75
N ILE A 269 1.35 -16.05 -6.65
CA ILE A 269 0.48 -17.16 -6.99
C ILE A 269 0.36 -17.20 -8.50
N ARG A 270 -0.21 -18.28 -9.00
CA ARG A 270 -0.40 -18.41 -10.44
C ARG A 270 -1.52 -19.41 -10.71
N SER A 271 -2.45 -18.99 -11.56
CA SER A 271 -3.56 -19.81 -11.97
C SER A 271 -3.94 -19.38 -13.37
N PHE A 272 -4.14 -20.34 -14.26
CA PHE A 272 -4.55 -20.01 -15.62
C PHE A 272 -6.07 -20.28 -15.72
N ASN A 273 -6.69 -20.55 -14.58
CA ASN A 273 -8.12 -20.83 -14.48
C ASN A 273 -8.86 -19.62 -13.92
N ALA A 274 -9.78 -19.09 -14.72
CA ALA A 274 -10.57 -17.92 -14.35
C ALA A 274 -11.34 -17.97 -13.02
N LYS A 275 -11.83 -19.14 -12.63
CA LYS A 275 -12.58 -19.28 -11.39
C LYS A 275 -11.59 -19.18 -10.22
N ARG A 276 -10.46 -19.86 -10.35
CA ARG A 276 -9.45 -19.85 -9.32
C ARG A 276 -8.76 -18.50 -9.16
N ILE A 277 -8.62 -17.76 -10.27
CA ILE A 277 -8.01 -16.43 -10.24
C ILE A 277 -8.93 -15.54 -9.37
N LYS A 278 -10.22 -15.62 -9.63
CA LYS A 278 -11.21 -14.85 -8.88
C LYS A 278 -11.24 -15.30 -7.42
N GLU A 279 -11.12 -16.59 -7.21
CA GLU A 279 -11.15 -17.12 -5.86
C GLU A 279 -10.07 -16.53 -4.95
N LEU A 280 -8.85 -16.38 -5.47
CA LEU A 280 -7.69 -15.87 -4.69
C LEU A 280 -7.79 -14.41 -4.26
N THR A 281 -8.65 -13.67 -4.95
CA THR A 281 -8.87 -12.27 -4.66
C THR A 281 -9.61 -12.05 -3.32
N GLN A 282 -10.16 -13.12 -2.74
CA GLN A 282 -10.91 -13.02 -1.50
C GLN A 282 -10.11 -13.38 -0.26
N VAL A 283 -8.79 -13.44 -0.39
CA VAL A 283 -7.95 -13.82 0.72
C VAL A 283 -7.95 -12.86 1.91
N PHE A 284 -8.50 -11.66 1.74
CA PHE A 284 -8.56 -10.71 2.86
C PHE A 284 -9.86 -10.77 3.66
N GLU A 285 -10.80 -11.58 3.17
CA GLU A 285 -12.12 -11.75 3.79
C GLU A 285 -12.19 -12.62 5.03
N PHE A 286 -11.06 -13.10 5.51
CA PHE A 286 -11.06 -13.89 6.73
C PHE A 286 -9.73 -13.76 7.41
N GLN A 287 -9.62 -14.33 8.59
CA GLN A 287 -8.39 -14.23 9.32
C GLN A 287 -8.17 -15.42 10.24
N LEU A 288 -7.01 -16.01 10.12
CA LEU A 288 -6.66 -17.17 10.91
C LEU A 288 -6.35 -16.76 12.34
N ALA A 289 -6.85 -17.57 13.27
CA ALA A 289 -6.62 -17.34 14.69
C ALA A 289 -5.25 -17.87 15.09
N SER A 290 -4.66 -17.25 16.09
CA SER A 290 -3.34 -17.62 16.59
C SER A 290 -3.12 -19.11 16.64
N GLU A 291 -4.06 -19.81 17.27
CA GLU A 291 -3.97 -21.26 17.41
C GLU A 291 -3.85 -21.94 16.05
N ASP A 292 -4.57 -21.41 15.07
CA ASP A 292 -4.52 -21.98 13.73
C ASP A 292 -3.22 -21.69 13.02
N MET A 293 -2.64 -20.53 13.31
CA MET A 293 -1.35 -20.19 12.70
C MET A 293 -0.32 -21.13 13.27
N LYS A 294 -0.39 -21.37 14.58
CA LYS A 294 0.55 -22.26 15.25
C LYS A 294 0.44 -23.69 14.72
N ALA A 295 -0.76 -24.06 14.31
CA ALA A 295 -1.03 -25.38 13.75
C ALA A 295 -0.34 -25.54 12.42
N LEU A 296 -0.55 -24.56 11.56
CA LEU A 296 0.03 -24.53 10.23
C LEU A 296 1.55 -24.41 10.30
N ASP A 297 2.06 -23.67 11.29
CA ASP A 297 3.51 -23.51 11.50
C ASP A 297 4.13 -24.86 11.76
N GLY A 298 3.33 -25.76 12.35
CA GLY A 298 3.77 -27.11 12.66
C GLY A 298 3.85 -28.04 11.47
N LEU A 299 3.28 -27.65 10.34
CA LEU A 299 3.32 -28.49 9.14
C LEU A 299 4.69 -28.46 8.45
N ASN A 300 5.55 -27.54 8.88
CA ASN A 300 6.87 -27.40 8.30
C ASN A 300 7.72 -28.68 8.38
N ARG A 301 8.31 -29.05 7.26
CA ARG A 301 9.15 -30.23 7.21
C ARG A 301 10.39 -30.01 6.36
N ASN A 302 10.74 -28.73 6.16
CA ASN A 302 11.89 -28.29 5.35
C ASN A 302 12.01 -29.05 4.03
N PHE A 303 10.90 -29.06 3.29
CA PHE A 303 10.82 -29.76 2.02
C PHE A 303 10.80 -28.83 0.80
N ARG A 304 11.76 -29.01 -0.11
CA ARG A 304 11.83 -28.21 -1.32
C ARG A 304 11.32 -28.92 -2.55
N TYR A 305 10.45 -28.24 -3.28
CA TYR A 305 9.94 -28.73 -4.54
C TYR A 305 10.95 -28.26 -5.60
N ASN A 306 11.67 -27.16 -5.29
CA ASN A 306 12.70 -26.57 -6.17
C ASN A 306 14.11 -26.72 -5.58
N ASN A 307 14.76 -27.81 -5.96
CA ASN A 307 16.12 -28.15 -5.51
C ASN A 307 17.26 -27.52 -6.32
N ALA A 308 16.93 -26.97 -7.49
CA ALA A 308 17.90 -26.34 -8.37
C ALA A 308 19.02 -27.31 -8.69
N LYS A 309 18.63 -28.55 -9.00
CA LYS A 309 19.59 -29.58 -9.35
C LYS A 309 20.08 -29.43 -10.78
N TYR A 310 19.40 -28.57 -11.54
CA TYR A 310 19.76 -28.25 -12.92
C TYR A 310 21.01 -27.36 -12.90
N PHE A 311 21.44 -27.00 -11.71
CA PHE A 311 22.64 -26.17 -11.53
C PHE A 311 23.75 -27.07 -11.05
N ASP A 312 23.50 -28.39 -11.12
CA ASP A 312 24.47 -29.41 -10.73
C ASP A 312 25.21 -29.08 -9.44
N ASP A 313 26.53 -29.06 -9.53
CA ASP A 313 27.42 -28.81 -8.39
C ASP A 313 28.10 -27.44 -8.38
N HIS A 314 27.39 -26.43 -8.88
CA HIS A 314 27.92 -25.07 -8.91
C HIS A 314 28.50 -24.74 -7.55
N PRO A 315 29.73 -24.22 -7.52
CA PRO A 315 30.35 -23.88 -6.23
C PRO A 315 29.53 -22.93 -5.38
N ASN A 316 28.66 -22.14 -6.03
CA ASN A 316 27.81 -21.17 -5.33
C ASN A 316 26.36 -21.61 -5.09
N HIS A 317 26.09 -22.91 -5.15
CA HIS A 317 24.73 -23.42 -4.96
C HIS A 317 24.19 -22.95 -3.61
N PRO A 318 23.03 -22.28 -3.61
CA PRO A 318 22.42 -21.76 -2.38
C PRO A 318 21.89 -22.82 -1.42
N PHE A 319 21.41 -23.92 -1.97
CA PHE A 319 20.87 -25.03 -1.18
C PHE A 319 21.93 -26.14 -1.14
N MET B 1 -0.70 -9.31 6.00
CA MET B 1 -0.44 -8.26 7.01
C MET B 1 -1.71 -7.45 7.27
N ASP B 2 -1.67 -6.56 8.26
CA ASP B 2 -2.81 -5.72 8.62
C ASP B 2 -3.35 -5.06 7.37
N SER B 3 -4.47 -5.56 6.87
CA SER B 3 -5.05 -5.00 5.67
C SER B 3 -5.38 -3.51 5.77
N ILE B 4 -5.62 -3.01 6.98
CA ILE B 4 -5.92 -1.57 7.13
C ILE B 4 -4.62 -0.76 7.10
N SER B 5 -3.49 -1.46 7.05
CA SER B 5 -2.17 -0.83 6.98
C SER B 5 -1.76 -0.67 5.52
N LEU B 6 -2.40 -1.42 4.62
CA LEU B 6 -2.08 -1.41 3.20
C LEU B 6 -2.34 -0.03 2.59
N ARG B 7 -1.62 0.27 1.50
CA ARG B 7 -1.68 1.57 0.88
C ARG B 7 -2.23 1.75 -0.49
N VAL B 8 -2.76 2.96 -0.72
CA VAL B 8 -3.27 3.40 -2.00
C VAL B 8 -2.36 4.49 -2.53
N ALA B 9 -2.29 4.58 -3.85
CA ALA B 9 -1.44 5.56 -4.52
C ALA B 9 -1.94 6.97 -4.53
N LEU B 10 -1.01 7.90 -4.35
CA LEU B 10 -1.27 9.33 -4.38
C LEU B 10 -0.74 9.77 -5.77
N ASN B 11 -1.26 10.85 -6.33
CA ASN B 11 -0.82 11.30 -7.67
C ASN B 11 0.60 11.87 -7.76
N ASP B 12 1.31 11.92 -6.64
CA ASP B 12 2.69 12.44 -6.63
C ASP B 12 3.71 11.35 -6.43
N GLY B 13 3.26 10.10 -6.49
CA GLY B 13 4.18 8.99 -6.31
C GLY B 13 4.21 8.43 -4.91
N ASN B 14 3.50 9.04 -3.97
CA ASN B 14 3.47 8.55 -2.61
C ASN B 14 2.31 7.63 -2.40
N PHE B 15 2.33 6.90 -1.29
CA PHE B 15 1.28 5.97 -0.94
C PHE B 15 0.73 6.25 0.45
N ILE B 16 -0.60 6.18 0.58
CA ILE B 16 -1.24 6.46 1.86
C ILE B 16 -1.98 5.22 2.39
N PRO B 17 -1.85 4.93 3.69
CA PRO B 17 -2.54 3.78 4.28
C PRO B 17 -4.02 4.04 4.06
N VAL B 18 -4.76 2.98 3.71
CA VAL B 18 -6.18 3.09 3.37
C VAL B 18 -7.16 3.53 4.47
N LEU B 19 -6.77 3.39 5.73
CA LEU B 19 -7.63 3.80 6.83
C LEU B 19 -6.91 4.73 7.80
N GLY B 20 -7.48 5.91 8.02
CA GLY B 20 -6.87 6.90 8.89
C GLY B 20 -7.46 7.06 10.27
N PHE B 21 -6.61 7.44 11.21
CA PHE B 21 -7.04 7.61 12.58
C PHE B 21 -6.95 9.09 12.99
N GLY B 22 -8.09 9.71 13.24
CA GLY B 22 -8.12 11.10 13.66
C GLY B 22 -7.67 11.32 15.09
N THR B 23 -7.27 12.55 15.42
CA THR B 23 -6.76 12.84 16.75
C THR B 23 -7.41 13.99 17.54
N THR B 24 -8.53 14.51 17.04
CA THR B 24 -9.22 15.58 17.76
C THR B 24 -9.67 15.06 19.12
N VAL B 25 -9.49 15.86 20.17
CA VAL B 25 -9.93 15.43 21.49
C VAL B 25 -11.23 16.19 21.83
N PRO B 26 -12.30 15.47 22.20
CA PRO B 26 -13.59 16.06 22.55
C PRO B 26 -13.46 17.05 23.72
N GLU B 27 -14.29 18.10 23.71
CA GLU B 27 -14.27 19.17 24.71
C GLU B 27 -14.04 18.80 26.17
N LYS B 28 -14.79 17.84 26.67
CA LYS B 28 -14.65 17.45 28.05
C LYS B 28 -13.68 16.31 28.32
N VAL B 29 -13.07 15.78 27.26
CA VAL B 29 -12.11 14.68 27.39
C VAL B 29 -10.69 15.20 27.58
N ALA B 30 -9.90 14.47 28.38
CA ALA B 30 -8.50 14.82 28.69
C ALA B 30 -7.53 14.55 27.53
N LYS B 31 -6.65 15.51 27.25
CA LYS B 31 -5.71 15.38 26.15
C LYS B 31 -4.80 14.16 26.21
N ASP B 32 -4.60 13.61 27.39
CA ASP B 32 -3.74 12.43 27.52
C ASP B 32 -4.44 11.17 27.02
N GLU B 33 -5.75 11.26 26.80
CA GLU B 33 -6.49 10.12 26.28
C GLU B 33 -6.10 9.83 24.84
N VAL B 34 -5.65 10.86 24.12
CA VAL B 34 -5.24 10.71 22.74
C VAL B 34 -3.92 9.95 22.65
N ILE B 35 -3.13 9.99 23.72
CA ILE B 35 -1.87 9.26 23.71
C ILE B 35 -2.20 7.80 23.88
N LYS B 36 -3.16 7.51 24.76
CA LYS B 36 -3.59 6.13 24.99
C LYS B 36 -4.08 5.53 23.68
N ALA B 37 -5.10 6.15 23.10
CA ALA B 37 -5.74 5.72 21.87
C ALA B 37 -4.80 5.54 20.68
N THR B 38 -3.85 6.45 20.53
CA THR B 38 -2.90 6.38 19.43
C THR B 38 -2.01 5.16 19.54
N LYS B 39 -1.52 4.87 20.74
CA LYS B 39 -0.67 3.70 20.95
C LYS B 39 -1.47 2.44 20.65
N ILE B 40 -2.72 2.42 21.06
CA ILE B 40 -3.58 1.28 20.81
C ILE B 40 -3.86 1.13 19.32
N ALA B 41 -4.05 2.26 18.64
CA ALA B 41 -4.33 2.23 17.21
C ALA B 41 -3.12 1.64 16.50
N ILE B 42 -1.93 2.05 16.93
CA ILE B 42 -0.72 1.55 16.33
C ILE B 42 -0.58 0.05 16.58
N ASP B 43 -0.89 -0.37 17.80
CA ASP B 43 -0.83 -1.79 18.14
C ASP B 43 -1.82 -2.58 17.30
N ASN B 44 -2.91 -1.94 16.90
CA ASN B 44 -3.92 -2.59 16.08
C ASN B 44 -3.71 -2.51 14.56
N GLY B 45 -2.62 -1.90 14.13
CA GLY B 45 -2.34 -1.83 12.71
C GLY B 45 -2.64 -0.53 12.02
N PHE B 46 -3.03 0.49 12.77
CA PHE B 46 -3.30 1.79 12.15
C PHE B 46 -1.97 2.46 11.85
N ARG B 47 -1.81 2.93 10.62
CA ARG B 47 -0.56 3.58 10.21
C ARG B 47 -0.72 4.99 9.66
N HIS B 48 -1.95 5.48 9.58
CA HIS B 48 -2.26 6.81 9.06
C HIS B 48 -2.93 7.61 10.18
N PHE B 49 -2.27 8.68 10.61
CA PHE B 49 -2.79 9.56 11.68
C PHE B 49 -3.04 10.96 11.18
N ASP B 50 -4.26 11.45 11.41
CA ASP B 50 -4.64 12.76 10.95
C ASP B 50 -4.70 13.76 12.10
N SER B 51 -3.92 14.83 12.00
CA SER B 51 -3.94 15.86 13.04
C SER B 51 -4.00 17.25 12.43
N ALA B 52 -3.67 18.27 13.22
CA ALA B 52 -3.72 19.64 12.74
C ALA B 52 -3.13 20.58 13.75
N TYR B 53 -2.74 21.76 13.27
CA TYR B 53 -2.19 22.77 14.15
C TYR B 53 -3.32 23.18 15.11
N LEU B 54 -4.49 23.42 14.54
CA LEU B 54 -5.67 23.82 15.31
C LEU B 54 -6.02 22.91 16.49
N TYR B 55 -5.79 21.61 16.34
CA TYR B 55 -6.14 20.64 17.38
C TYR B 55 -5.38 20.76 18.69
N GLU B 56 -4.27 21.48 18.67
CA GLU B 56 -3.45 21.66 19.87
C GLU B 56 -3.07 20.34 20.58
N VAL B 57 -2.88 19.27 19.82
CA VAL B 57 -2.48 18.01 20.44
C VAL B 57 -1.31 17.36 19.73
N GLU B 58 -0.67 18.09 18.82
CA GLU B 58 0.45 17.53 18.07
C GLU B 58 1.63 17.10 18.93
N GLU B 59 1.75 17.69 20.12
CA GLU B 59 2.82 17.36 21.05
C GLU B 59 2.51 15.97 21.62
N GLU B 60 1.24 15.73 21.94
CA GLU B 60 0.80 14.46 22.48
C GLU B 60 0.86 13.29 21.49
N VAL B 61 0.38 13.53 20.27
CA VAL B 61 0.38 12.52 19.22
C VAL B 61 1.81 12.14 18.83
N GLY B 62 2.67 13.14 18.69
CA GLY B 62 4.05 12.89 18.32
C GLY B 62 4.75 12.06 19.37
N GLN B 63 4.31 12.22 20.61
CA GLN B 63 4.82 11.51 21.77
C GLN B 63 4.40 10.04 21.70
N ALA B 64 3.12 9.80 21.40
CA ALA B 64 2.62 8.45 21.28
C ALA B 64 3.30 7.70 20.14
N ILE B 65 3.47 8.39 19.00
CA ILE B 65 4.11 7.80 17.83
C ILE B 65 5.56 7.45 18.10
N ARG B 66 6.34 8.40 18.61
CA ARG B 66 7.75 8.15 18.88
C ARG B 66 8.03 7.04 19.91
N SER B 67 7.14 6.86 20.87
CA SER B 67 7.31 5.82 21.88
C SER B 67 7.25 4.47 21.21
N LYS B 68 6.39 4.36 20.20
CA LYS B 68 6.19 3.15 19.41
C LYS B 68 7.32 2.93 18.42
N ILE B 69 8.01 4.01 18.08
CA ILE B 69 9.15 3.91 17.19
C ILE B 69 10.32 3.49 18.09
N GLU B 70 10.40 4.16 19.24
CA GLU B 70 11.42 3.89 20.25
C GLU B 70 11.48 2.48 20.81
N ASP B 71 10.34 1.82 21.00
CA ASP B 71 10.42 0.45 21.50
C ASP B 71 10.53 -0.55 20.38
N GLY B 72 10.62 -0.06 19.15
CA GLY B 72 10.74 -0.93 17.99
C GLY B 72 9.47 -1.49 17.36
N THR B 73 8.30 -0.93 17.68
CA THR B 73 7.05 -1.42 17.08
C THR B 73 6.91 -1.01 15.61
N VAL B 74 7.41 0.19 15.28
CA VAL B 74 7.37 0.72 13.90
C VAL B 74 8.57 1.62 13.65
N LYS B 75 8.74 2.05 12.41
CA LYS B 75 9.80 2.96 12.02
C LYS B 75 9.10 4.21 11.51
N ARG B 76 9.78 5.35 11.46
CA ARG B 76 9.12 6.58 10.99
C ARG B 76 8.45 6.31 9.68
N GLU B 77 9.16 5.59 8.81
CA GLU B 77 8.68 5.25 7.48
C GLU B 77 7.37 4.47 7.49
N ASP B 78 7.10 3.72 8.56
CA ASP B 78 5.88 2.93 8.65
C ASP B 78 4.68 3.80 8.95
N ILE B 79 4.93 4.97 9.52
CA ILE B 79 3.89 5.91 9.91
C ILE B 79 3.64 6.98 8.86
N PHE B 80 2.36 7.28 8.64
CA PHE B 80 1.97 8.31 7.71
C PHE B 80 1.26 9.36 8.58
N TYR B 81 1.90 10.50 8.80
CA TYR B 81 1.35 11.56 9.63
C TYR B 81 0.87 12.73 8.79
N THR B 82 -0.37 13.15 9.00
CA THR B 82 -0.95 14.27 8.29
C THR B 82 -1.15 15.46 9.24
N SER B 83 -0.85 16.66 8.79
CA SER B 83 -1.10 17.85 9.59
C SER B 83 -1.73 18.90 8.70
N LYS B 84 -2.27 19.96 9.30
CA LYS B 84 -2.95 20.97 8.48
C LYS B 84 -2.56 22.40 8.83
N LEU B 85 -2.48 23.23 7.79
CA LEU B 85 -2.11 24.64 7.87
C LEU B 85 -3.31 25.42 8.38
N TRP B 86 -3.11 26.19 9.46
CA TRP B 86 -4.21 26.98 9.98
C TRP B 86 -4.39 28.30 9.20
N SER B 87 -5.65 28.77 9.15
CA SER B 87 -6.06 29.99 8.43
C SER B 87 -5.29 31.27 8.70
N THR B 88 -4.75 31.40 9.90
CA THR B 88 -3.99 32.58 10.27
C THR B 88 -2.57 32.62 9.67
N PHE B 89 -2.15 31.50 9.07
CA PHE B 89 -0.84 31.41 8.43
C PHE B 89 -0.96 31.28 6.90
N HIS B 90 -2.05 31.79 6.34
CA HIS B 90 -2.27 31.68 4.92
C HIS B 90 -1.39 32.56 4.06
N ARG B 91 -0.82 33.59 4.68
CA ARG B 91 0.06 34.51 3.96
C ARG B 91 1.27 33.71 3.58
N PRO B 92 1.63 33.73 2.30
CA PRO B 92 2.77 33.02 1.73
C PRO B 92 3.99 32.91 2.63
N GLU B 93 4.37 34.02 3.25
CA GLU B 93 5.55 34.02 4.12
C GLU B 93 5.35 33.36 5.47
N LEU B 94 4.11 33.02 5.80
CA LEU B 94 3.82 32.40 7.09
C LEU B 94 3.57 30.89 7.02
N VAL B 95 3.31 30.36 5.82
CA VAL B 95 3.02 28.93 5.63
C VAL B 95 4.05 27.99 6.25
N ARG B 96 5.32 28.21 5.93
CA ARG B 96 6.38 27.37 6.47
C ARG B 96 6.59 27.54 7.95
N THR B 97 6.22 28.70 8.47
CA THR B 97 6.35 28.97 9.90
C THR B 97 5.39 28.06 10.66
N CYS B 98 4.19 27.87 10.12
CA CYS B 98 3.17 27.04 10.73
C CYS B 98 3.65 25.60 10.75
N LEU B 99 4.17 25.15 9.61
CA LEU B 99 4.69 23.80 9.46
C LEU B 99 5.86 23.54 10.39
N GLU B 100 6.76 24.51 10.53
CA GLU B 100 7.91 24.32 11.40
C GLU B 100 7.52 24.20 12.86
N LYS B 101 6.36 24.74 13.24
CA LYS B 101 5.88 24.66 14.62
C LYS B 101 5.38 23.24 14.84
N THR B 102 4.74 22.67 13.82
CA THR B 102 4.22 21.30 13.86
C THR B 102 5.39 20.35 14.01
N LEU B 103 6.44 20.57 13.21
CA LEU B 103 7.62 19.73 13.25
C LEU B 103 8.30 19.80 14.60
N LYS B 104 8.37 21.00 15.17
CA LYS B 104 8.98 21.18 16.46
C LYS B 104 8.15 20.45 17.52
N SER B 105 6.83 20.58 17.45
CA SER B 105 5.93 19.94 18.40
C SER B 105 5.93 18.42 18.33
N THR B 106 5.78 17.87 17.13
CA THR B 106 5.74 16.44 16.96
C THR B 106 7.08 15.75 17.07
N GLN B 107 8.13 16.48 16.75
CA GLN B 107 9.48 15.92 16.78
C GLN B 107 9.68 14.87 15.70
N LEU B 108 8.87 14.97 14.65
CA LEU B 108 8.99 14.11 13.47
C LEU B 108 9.85 15.02 12.57
N ASP B 109 10.58 14.46 11.62
CA ASP B 109 11.43 15.34 10.82
C ASP B 109 10.75 15.94 9.60
N TYR B 110 9.56 15.41 9.33
CA TYR B 110 8.75 15.86 8.22
C TYR B 110 7.35 15.30 8.43
N VAL B 111 6.39 15.88 7.71
CA VAL B 111 5.05 15.36 7.76
C VAL B 111 4.87 14.71 6.40
N ASP B 112 4.17 13.58 6.38
CA ASP B 112 3.93 12.86 5.13
C ASP B 112 2.96 13.58 4.21
N LEU B 113 2.02 14.29 4.82
CA LEU B 113 1.02 15.04 4.07
C LEU B 113 0.72 16.32 4.83
N TYR B 114 0.81 17.45 4.16
CA TYR B 114 0.50 18.73 4.78
C TYR B 114 -0.62 19.34 3.94
N ILE B 115 -1.75 19.69 4.56
CA ILE B 115 -2.86 20.23 3.79
C ILE B 115 -3.43 21.55 4.28
N ILE B 116 -4.08 22.29 3.38
CA ILE B 116 -4.72 23.56 3.75
C ILE B 116 -6.03 23.22 4.45
N HIS B 117 -6.13 23.51 5.73
CA HIS B 117 -7.33 23.17 6.51
C HIS B 117 -8.66 23.73 5.99
N PHE B 118 -8.67 25.00 5.57
CA PHE B 118 -9.86 25.66 5.05
C PHE B 118 -9.39 26.65 4.01
N PRO B 119 -10.20 26.92 2.97
CA PRO B 119 -9.83 27.86 1.91
C PRO B 119 -10.13 29.30 2.34
N MET B 120 -9.97 29.59 3.63
CA MET B 120 -10.26 30.92 4.14
C MET B 120 -9.12 31.44 5.00
N ALA B 121 -8.62 32.62 4.65
CA ALA B 121 -7.52 33.25 5.40
C ALA B 121 -8.06 34.15 6.52
N LEU B 122 -7.40 34.12 7.67
CA LEU B 122 -7.78 34.96 8.81
C LEU B 122 -6.54 35.77 9.13
N GLN B 123 -6.73 36.92 9.78
CA GLN B 123 -5.63 37.79 10.15
C GLN B 123 -4.56 37.10 10.98
N PRO B 124 -3.27 37.29 10.64
CA PRO B 124 -2.16 36.67 11.38
C PRO B 124 -2.22 37.01 12.87
N GLY B 125 -1.67 36.13 13.70
CA GLY B 125 -1.68 36.39 15.13
C GLY B 125 -1.62 35.12 15.96
N ASP B 126 -1.88 35.26 17.26
CA ASP B 126 -1.82 34.14 18.19
C ASP B 126 -3.15 33.49 18.52
N ILE B 127 -4.25 34.07 18.03
CA ILE B 127 -5.57 33.52 18.26
C ILE B 127 -6.02 32.80 16.98
N PHE B 128 -6.65 31.65 17.12
CA PHE B 128 -7.12 30.88 15.97
C PHE B 128 -8.22 31.61 15.20
N PHE B 129 -9.18 32.20 15.92
CA PHE B 129 -10.27 32.96 15.30
C PHE B 129 -10.26 34.39 15.82
N PRO B 130 -9.41 35.25 15.23
CA PRO B 130 -9.31 36.65 15.65
C PRO B 130 -10.54 37.49 15.31
N ARG B 131 -11.13 38.12 16.33
CA ARG B 131 -12.30 38.96 16.16
C ARG B 131 -12.03 40.34 16.77
N ASP B 132 -12.66 41.39 16.22
CA ASP B 132 -12.48 42.72 16.78
C ASP B 132 -13.29 42.88 18.08
N GLU B 133 -13.18 44.03 18.75
CA GLU B 133 -13.91 44.20 20.01
C GLU B 133 -15.42 44.15 19.88
N HIS B 134 -15.92 44.38 18.68
CA HIS B 134 -17.36 44.32 18.44
C HIS B 134 -17.76 42.90 18.04
N GLY B 135 -16.78 42.00 18.01
CA GLY B 135 -17.04 40.62 17.67
C GLY B 135 -16.74 40.16 16.25
N LYS B 136 -16.71 41.09 15.30
CA LYS B 136 -16.46 40.77 13.90
C LYS B 136 -15.18 39.94 13.71
N LEU B 137 -15.27 38.92 12.85
CA LEU B 137 -14.14 38.04 12.55
C LEU B 137 -13.20 38.78 11.63
N LEU B 138 -11.92 38.81 12.03
CA LEU B 138 -10.89 39.49 11.27
C LEU B 138 -10.26 38.58 10.21
N PHE B 139 -10.86 38.58 9.03
CA PHE B 139 -10.34 37.76 7.96
C PHE B 139 -9.57 38.57 6.93
N GLU B 140 -9.00 37.84 5.97
CA GLU B 140 -8.23 38.41 4.87
C GLU B 140 -8.61 37.70 3.60
N THR B 141 -8.24 38.31 2.49
CA THR B 141 -8.55 37.74 1.21
C THR B 141 -7.36 37.14 0.48
N VAL B 142 -6.41 36.59 1.22
CA VAL B 142 -5.24 35.97 0.60
C VAL B 142 -5.71 34.92 -0.41
N ASP B 143 -5.17 35.01 -1.62
CA ASP B 143 -5.51 34.11 -2.71
C ASP B 143 -4.95 32.70 -2.43
N ILE B 144 -5.81 31.70 -2.56
CA ILE B 144 -5.40 30.31 -2.30
C ILE B 144 -4.25 29.91 -3.19
N CYS B 145 -4.23 30.45 -4.40
CA CYS B 145 -3.16 30.14 -5.34
C CYS B 145 -1.82 30.60 -4.79
N ASP B 146 -1.85 31.67 -4.00
CA ASP B 146 -0.63 32.20 -3.41
C ASP B 146 -0.17 31.36 -2.25
N THR B 147 -1.12 30.92 -1.43
CA THR B 147 -0.81 30.06 -0.31
C THR B 147 -0.36 28.69 -0.85
N TRP B 148 -0.94 28.26 -1.97
CA TRP B 148 -0.59 27.00 -2.58
C TRP B 148 0.86 26.98 -3.02
N GLU B 149 1.33 28.07 -3.62
CA GLU B 149 2.72 28.15 -4.04
C GLU B 149 3.63 28.00 -2.84
N ALA B 150 3.22 28.52 -1.70
CA ALA B 150 4.02 28.40 -0.48
C ALA B 150 4.03 26.94 -0.03
N MET B 151 2.94 26.24 -0.28
CA MET B 151 2.85 24.82 0.09
C MET B 151 3.77 23.98 -0.79
N GLU B 152 3.86 24.30 -2.08
CA GLU B 152 4.74 23.58 -3.02
C GLU B 152 6.21 23.65 -2.60
N LYS B 153 6.62 24.80 -2.07
CA LYS B 153 7.99 25.03 -1.59
C LYS B 153 8.33 24.19 -0.36
N CYS B 154 7.36 23.97 0.51
CA CYS B 154 7.54 23.13 1.69
C CYS B 154 7.75 21.69 1.21
N LYS B 155 7.15 21.33 0.08
CA LYS B 155 7.35 20.00 -0.49
C LYS B 155 8.75 19.95 -1.11
N ASP B 156 9.13 20.99 -1.87
CA ASP B 156 10.47 21.07 -2.49
C ASP B 156 11.55 21.06 -1.42
N ALA B 157 11.24 21.66 -0.27
CA ALA B 157 12.18 21.73 0.85
C ALA B 157 12.29 20.40 1.59
N GLY B 158 11.39 19.47 1.29
CA GLY B 158 11.41 18.17 1.94
C GLY B 158 10.71 18.12 3.29
N LEU B 159 10.09 19.22 3.70
CA LEU B 159 9.41 19.29 4.98
C LEU B 159 8.06 18.54 4.96
N ALA B 160 7.47 18.41 3.76
CA ALA B 160 6.21 17.71 3.59
C ALA B 160 6.38 16.83 2.36
N LYS B 161 6.14 15.53 2.49
CA LYS B 161 6.27 14.61 1.36
C LYS B 161 5.16 14.81 0.33
N SER B 162 3.97 15.12 0.82
CA SER B 162 2.83 15.37 -0.06
C SER B 162 2.05 16.58 0.46
N ILE B 163 1.33 17.25 -0.45
CA ILE B 163 0.51 18.41 -0.08
C ILE B 163 -0.91 18.27 -0.65
N GLY B 164 -1.89 18.77 0.09
CA GLY B 164 -3.26 18.69 -0.34
C GLY B 164 -4.10 19.80 0.29
N VAL B 165 -5.42 19.67 0.15
CA VAL B 165 -6.36 20.65 0.67
C VAL B 165 -7.47 19.94 1.47
N SER B 166 -8.28 20.73 2.16
CA SER B 166 -9.38 20.21 2.94
C SER B 166 -10.50 21.25 2.86
N ASN B 167 -11.76 20.80 2.86
CA ASN B 167 -12.91 21.69 2.82
C ASN B 167 -13.00 22.66 1.62
N PHE B 168 -12.47 22.22 0.49
CA PHE B 168 -12.49 23.03 -0.74
C PHE B 168 -13.66 22.55 -1.59
N ASN B 169 -14.33 23.49 -2.26
CA ASN B 169 -15.43 23.12 -3.14
C ASN B 169 -14.83 22.96 -4.54
N CYS B 170 -15.62 22.52 -5.51
CA CYS B 170 -15.08 22.31 -6.85
C CYS B 170 -14.50 23.56 -7.51
N ARG B 171 -15.11 24.72 -7.29
CA ARG B 171 -14.62 25.97 -7.85
C ARG B 171 -13.23 26.27 -7.31
N GLN B 172 -13.07 26.14 -6.01
CA GLN B 172 -11.78 26.43 -5.38
C GLN B 172 -10.72 25.45 -5.84
N LEU B 173 -11.14 24.22 -6.09
CA LEU B 173 -10.25 23.15 -6.53
C LEU B 173 -9.81 23.43 -7.95
N GLU B 174 -10.77 23.81 -8.80
CA GLU B 174 -10.51 24.12 -10.20
C GLU B 174 -9.57 25.32 -10.27
N ARG B 175 -9.75 26.26 -9.36
CA ARG B 175 -8.91 27.46 -9.31
C ARG B 175 -7.43 27.09 -9.19
N ILE B 176 -7.12 26.13 -8.33
CA ILE B 176 -5.75 25.67 -8.12
C ILE B 176 -5.22 24.79 -9.26
N LEU B 177 -6.07 23.89 -9.79
CA LEU B 177 -5.66 23.01 -10.88
C LEU B 177 -5.36 23.77 -12.17
N ASN B 178 -6.02 24.91 -12.35
CA ASN B 178 -5.81 25.71 -13.54
C ASN B 178 -4.83 26.82 -13.32
N LYS B 179 -4.27 26.91 -12.12
CA LYS B 179 -3.30 27.95 -11.83
C LYS B 179 -2.09 27.82 -12.76
N PRO B 180 -1.66 28.94 -13.34
CA PRO B 180 -0.51 28.93 -14.23
C PRO B 180 0.76 28.69 -13.43
N GLY B 181 1.60 27.80 -13.94
CA GLY B 181 2.83 27.50 -13.25
C GLY B 181 2.64 26.45 -12.16
N LEU B 182 1.44 25.87 -12.07
CA LEU B 182 1.16 24.86 -11.06
C LEU B 182 2.25 23.83 -11.16
N LYS B 183 2.87 23.52 -10.02
CA LYS B 183 3.95 22.55 -10.00
C LYS B 183 3.48 21.22 -9.43
N TYR B 184 2.70 21.30 -8.35
CA TYR B 184 2.18 20.12 -7.68
C TYR B 184 0.69 20.25 -7.49
N LYS B 185 -0.01 19.22 -7.93
CA LYS B 185 -1.45 19.12 -7.85
C LYS B 185 -1.80 18.59 -6.44
N PRO B 186 -2.93 19.01 -5.88
CA PRO B 186 -3.35 18.56 -4.54
C PRO B 186 -3.54 17.03 -4.61
N VAL B 187 -2.98 16.27 -3.66
CA VAL B 187 -3.15 14.82 -3.71
C VAL B 187 -4.50 14.35 -3.17
N CYS B 188 -5.18 15.22 -2.43
CA CYS B 188 -6.45 14.83 -1.84
C CYS B 188 -7.25 16.05 -1.48
N ASN B 189 -8.51 15.84 -1.16
CA ASN B 189 -9.41 16.89 -0.67
C ASN B 189 -10.11 16.19 0.49
N GLN B 190 -9.73 16.57 1.72
CA GLN B 190 -10.34 16.01 2.92
C GLN B 190 -11.60 16.80 3.23
N VAL B 191 -12.76 16.16 3.04
CA VAL B 191 -14.05 16.79 3.26
C VAL B 191 -14.97 15.88 4.02
N GLU B 192 -16.07 16.43 4.52
CA GLU B 192 -17.08 15.66 5.25
C GLU B 192 -17.81 14.74 4.27
N CYS B 193 -17.86 13.45 4.59
CA CYS B 193 -18.49 12.50 3.70
C CYS B 193 -18.97 11.32 4.52
N HIS B 194 -20.25 11.01 4.42
CA HIS B 194 -20.89 9.91 5.13
C HIS B 194 -22.20 9.57 4.39
N LEU B 195 -23.04 8.73 4.98
CA LEU B 195 -24.29 8.35 4.31
C LEU B 195 -25.30 9.46 4.00
N TYR B 196 -25.33 10.52 4.81
CA TYR B 196 -26.24 11.65 4.62
C TYR B 196 -25.67 12.77 3.74
N LEU B 197 -24.40 12.64 3.38
CA LEU B 197 -23.69 13.62 2.55
C LEU B 197 -22.61 12.80 1.87
N ASN B 198 -23.00 11.98 0.89
CA ASN B 198 -22.02 11.12 0.24
C ASN B 198 -21.06 11.72 -0.78
N GLN B 199 -21.30 12.97 -1.16
CA GLN B 199 -20.43 13.72 -2.08
C GLN B 199 -20.14 13.03 -3.41
N SER B 200 -21.18 12.54 -4.08
CA SER B 200 -21.00 11.84 -5.34
C SER B 200 -20.40 12.69 -6.44
N LYS B 201 -20.81 13.96 -6.53
CA LYS B 201 -20.27 14.86 -7.55
C LYS B 201 -18.81 15.16 -7.28
N MET B 202 -18.49 15.49 -6.03
CA MET B 202 -17.12 15.78 -5.64
C MET B 202 -16.28 14.53 -5.87
N LEU B 203 -16.84 13.38 -5.51
CA LEU B 203 -16.12 12.13 -5.70
C LEU B 203 -15.83 11.89 -7.16
N ASP B 204 -16.78 12.22 -8.03
CA ASP B 204 -16.60 12.07 -9.47
C ASP B 204 -15.55 13.04 -10.00
N TYR B 205 -15.60 14.27 -9.50
CA TYR B 205 -14.68 15.30 -9.90
C TYR B 205 -13.27 14.90 -9.51
N CYS B 206 -13.11 14.47 -8.26
CA CYS B 206 -11.81 14.05 -7.78
C CYS B 206 -11.25 12.88 -8.58
N LYS B 207 -12.10 11.91 -8.90
CA LYS B 207 -11.66 10.75 -9.67
C LYS B 207 -11.10 11.14 -11.03
N SER B 208 -11.74 12.12 -11.66
CA SER B 208 -11.30 12.56 -12.98
C SER B 208 -10.00 13.33 -12.94
N LYS B 209 -9.66 13.87 -11.76
CA LYS B 209 -8.43 14.63 -11.59
C LYS B 209 -7.32 13.87 -10.84
N ASP B 210 -7.59 12.63 -10.46
CA ASP B 210 -6.63 11.85 -9.70
C ASP B 210 -6.34 12.46 -8.35
N ILE B 211 -7.39 12.98 -7.73
CA ILE B 211 -7.32 13.56 -6.40
C ILE B 211 -8.14 12.61 -5.53
N ILE B 212 -7.61 12.15 -4.40
CA ILE B 212 -8.43 11.26 -3.59
C ILE B 212 -9.27 12.02 -2.59
N LEU B 213 -10.46 11.48 -2.30
CA LEU B 213 -11.39 12.05 -1.36
C LEU B 213 -11.11 11.34 -0.05
N VAL B 214 -10.64 12.10 0.94
CA VAL B 214 -10.39 11.57 2.27
C VAL B 214 -11.60 12.09 3.07
N SER B 215 -12.34 11.21 3.72
CA SER B 215 -13.55 11.62 4.44
C SER B 215 -13.43 11.74 5.94
N TYR B 216 -14.15 12.69 6.51
CA TYR B 216 -14.17 12.88 7.95
C TYR B 216 -15.64 12.88 8.38
N CYS B 217 -15.92 12.62 9.66
CA CYS B 217 -17.30 12.49 10.14
C CYS B 217 -17.96 11.31 9.38
N THR B 218 -17.12 10.34 9.06
CA THR B 218 -17.50 9.14 8.34
C THR B 218 -18.59 8.39 9.07
N LEU B 219 -18.54 8.40 10.40
CA LEU B 219 -19.51 7.72 11.25
C LEU B 219 -20.55 8.69 11.81
N GLY B 220 -20.67 9.87 11.21
CA GLY B 220 -21.64 10.85 11.69
C GLY B 220 -21.12 11.78 12.77
N SER B 221 -19.80 11.93 12.85
CA SER B 221 -19.12 12.80 13.81
C SER B 221 -19.23 12.43 15.28
N SER B 222 -18.53 13.21 16.09
CA SER B 222 -18.49 13.00 17.54
C SER B 222 -19.62 13.70 18.33
N ARG B 223 -20.48 14.42 17.62
CA ARG B 223 -21.61 15.15 18.21
C ARG B 223 -21.19 16.04 19.35
N ASP B 224 -20.01 16.64 19.19
CA ASP B 224 -19.42 17.55 20.16
C ASP B 224 -20.33 18.76 20.11
N LYS B 225 -20.95 19.10 21.23
CA LYS B 225 -21.88 20.22 21.27
C LYS B 225 -21.27 21.59 20.98
N THR B 226 -19.94 21.71 21.08
CA THR B 226 -19.31 22.99 20.77
C THR B 226 -19.37 23.25 19.27
N TRP B 227 -19.55 22.20 18.47
CA TRP B 227 -19.63 22.37 17.03
C TRP B 227 -20.68 21.54 16.28
N VAL B 228 -21.30 20.56 16.94
CA VAL B 228 -22.33 19.76 16.29
C VAL B 228 -23.70 20.08 16.89
N ASP B 229 -24.66 20.38 16.02
CA ASP B 229 -26.02 20.71 16.43
C ASP B 229 -26.64 19.45 17.03
N GLN B 230 -27.03 19.54 18.31
CA GLN B 230 -27.62 18.39 18.99
C GLN B 230 -28.96 17.91 18.43
N LYS B 231 -29.57 18.69 17.54
CA LYS B 231 -30.86 18.31 16.95
C LYS B 231 -30.66 17.72 15.56
N SER B 232 -29.45 17.24 15.30
CA SER B 232 -29.12 16.64 14.02
C SER B 232 -29.37 15.14 14.06
N PRO B 233 -29.61 14.51 12.90
CA PRO B 233 -29.86 13.06 12.90
C PRO B 233 -28.63 12.26 13.33
N VAL B 234 -28.87 11.16 14.05
CA VAL B 234 -27.81 10.28 14.48
C VAL B 234 -27.66 9.25 13.37
N LEU B 235 -26.57 9.33 12.62
CA LEU B 235 -26.31 8.44 11.49
C LEU B 235 -26.34 6.95 11.77
N LEU B 236 -25.67 6.53 12.85
CA LEU B 236 -25.59 5.11 13.18
C LEU B 236 -26.87 4.46 13.67
N ASP B 237 -27.91 5.25 13.82
CA ASP B 237 -29.20 4.74 14.25
C ASP B 237 -30.12 4.57 13.06
N ASP B 238 -29.70 5.06 11.90
CA ASP B 238 -30.51 4.96 10.70
C ASP B 238 -31.04 3.55 10.47
N PRO B 239 -32.38 3.43 10.35
CA PRO B 239 -33.07 2.16 10.14
C PRO B 239 -32.51 1.33 9.00
N VAL B 240 -32.38 1.94 7.82
CA VAL B 240 -31.84 1.25 6.65
C VAL B 240 -30.42 0.76 6.87
N LEU B 241 -29.61 1.54 7.58
CA LEU B 241 -28.23 1.15 7.86
C LEU B 241 -28.22 -0.03 8.81
N CYS B 242 -29.09 0.02 9.83
CA CYS B 242 -29.16 -1.05 10.81
C CYS B 242 -29.70 -2.37 10.27
N ALA B 243 -30.59 -2.29 9.28
CA ALA B 243 -31.18 -3.46 8.65
C ALA B 243 -30.10 -4.19 7.86
N ILE B 244 -29.35 -3.41 7.06
CA ILE B 244 -28.26 -3.94 6.25
C ILE B 244 -27.16 -4.50 7.13
N ALA B 245 -26.83 -3.80 8.21
CA ALA B 245 -25.79 -4.25 9.12
C ALA B 245 -26.21 -5.62 9.70
N LYS B 246 -27.51 -5.71 9.99
CA LYS B 246 -28.12 -6.91 10.55
C LYS B 246 -28.03 -8.03 9.53
N LYS B 247 -28.26 -7.69 8.26
CA LYS B 247 -28.21 -8.63 7.15
C LYS B 247 -26.81 -9.22 6.92
N TYR B 248 -25.76 -8.52 7.33
CA TYR B 248 -24.40 -9.02 7.13
C TYR B 248 -23.77 -9.44 8.45
N LYS B 249 -24.57 -9.36 9.53
CA LYS B 249 -24.11 -9.72 10.87
C LYS B 249 -22.97 -8.81 11.30
N GLN B 250 -22.99 -7.58 10.79
CA GLN B 250 -21.97 -6.57 11.08
C GLN B 250 -22.59 -5.40 11.81
N THR B 251 -21.75 -4.55 12.38
CA THR B 251 -22.23 -3.35 13.08
C THR B 251 -22.48 -2.25 12.06
N PRO B 252 -23.32 -1.26 12.41
CA PRO B 252 -23.64 -0.12 11.54
C PRO B 252 -22.38 0.66 11.23
N ALA B 253 -21.51 0.82 12.22
CA ALA B 253 -20.25 1.53 12.04
C ALA B 253 -19.44 0.88 10.91
N LEU B 254 -19.31 -0.44 10.98
CA LEU B 254 -18.57 -1.18 9.98
C LEU B 254 -19.21 -1.05 8.62
N VAL B 255 -20.54 -1.03 8.57
CA VAL B 255 -21.24 -0.89 7.29
C VAL B 255 -21.12 0.54 6.73
N ALA B 256 -21.11 1.55 7.59
CA ALA B 256 -20.98 2.95 7.19
C ALA B 256 -19.57 3.20 6.65
N LEU B 257 -18.59 2.53 7.25
CA LEU B 257 -17.18 2.62 6.87
C LEU B 257 -16.90 1.87 5.57
N ARG B 258 -17.37 0.63 5.49
CA ARG B 258 -17.18 -0.21 4.30
C ARG B 258 -17.72 0.43 3.04
N TYR B 259 -18.85 1.11 3.19
CA TYR B 259 -19.49 1.78 2.07
C TYR B 259 -18.52 2.77 1.44
N GLN B 260 -17.81 3.52 2.28
CA GLN B 260 -16.85 4.50 1.79
C GLN B 260 -15.68 3.83 1.07
N LEU B 261 -15.08 2.84 1.72
CA LEU B 261 -13.98 2.10 1.11
C LEU B 261 -14.42 1.54 -0.24
N GLN B 262 -15.60 0.94 -0.28
CA GLN B 262 -16.07 0.37 -1.54
C GLN B 262 -16.26 1.38 -2.65
N ARG B 263 -16.50 2.65 -2.31
CA ARG B 263 -16.68 3.64 -3.38
C ARG B 263 -15.41 4.40 -3.75
N GLY B 264 -14.28 4.01 -3.17
CA GLY B 264 -13.02 4.63 -3.50
C GLY B 264 -12.55 5.74 -2.56
N VAL B 265 -13.25 5.93 -1.46
CA VAL B 265 -12.89 6.96 -0.50
C VAL B 265 -11.89 6.40 0.50
N VAL B 266 -10.91 7.23 0.90
CA VAL B 266 -9.93 6.84 1.92
C VAL B 266 -10.54 7.49 3.18
N PRO B 267 -11.16 6.67 4.05
CA PRO B 267 -11.78 7.20 5.25
C PRO B 267 -10.98 7.39 6.52
N LEU B 268 -11.40 8.39 7.28
CA LEU B 268 -10.81 8.71 8.58
C LEU B 268 -11.84 8.32 9.60
N ILE B 269 -11.36 7.71 10.69
CA ILE B 269 -12.23 7.33 11.79
C ILE B 269 -11.54 7.75 13.07
N ARG B 270 -12.27 7.68 14.18
CA ARG B 270 -11.68 8.03 15.45
C ARG B 270 -12.50 7.38 16.55
N SER B 271 -11.78 6.71 17.46
CA SER B 271 -12.37 6.05 18.61
C SER B 271 -11.35 6.07 19.72
N PHE B 272 -11.77 6.44 20.91
CA PHE B 272 -10.86 6.44 22.04
C PHE B 272 -11.16 5.18 22.89
N ASN B 273 -12.01 4.30 22.33
CA ASN B 273 -12.40 3.05 22.97
C ASN B 273 -11.68 1.86 22.33
N ALA B 274 -10.90 1.16 23.14
CA ALA B 274 -10.13 0.01 22.70
C ALA B 274 -10.87 -1.11 21.97
N LYS B 275 -12.12 -1.36 22.35
CA LYS B 275 -12.92 -2.42 21.71
C LYS B 275 -13.33 -1.95 20.32
N ARG B 276 -13.76 -0.70 20.23
CA ARG B 276 -14.19 -0.14 18.96
C ARG B 276 -13.03 0.07 17.98
N ILE B 277 -11.84 0.35 18.51
CA ILE B 277 -10.67 0.54 17.67
C ILE B 277 -10.41 -0.80 17.00
N LYS B 278 -10.45 -1.86 17.78
CA LYS B 278 -10.22 -3.22 17.27
C LYS B 278 -11.32 -3.62 16.30
N GLU B 279 -12.54 -3.22 16.60
CA GLU B 279 -13.66 -3.55 15.76
C GLU B 279 -13.51 -3.04 14.33
N LEU B 280 -13.04 -1.81 14.16
CA LEU B 280 -12.90 -1.18 12.84
C LEU B 280 -11.84 -1.79 11.93
N THR B 281 -10.92 -2.55 12.52
CA THR B 281 -9.86 -3.20 11.80
C THR B 281 -10.37 -4.38 10.96
N GLN B 282 -11.63 -4.76 11.17
CA GLN B 282 -12.22 -5.91 10.45
C GLN B 282 -13.08 -5.49 9.26
N VAL B 283 -12.95 -4.24 8.83
CA VAL B 283 -13.76 -3.74 7.74
C VAL B 283 -13.52 -4.40 6.39
N PHE B 284 -12.45 -5.17 6.26
CA PHE B 284 -12.17 -5.85 4.98
C PHE B 284 -12.72 -7.28 4.92
N GLU B 285 -13.27 -7.73 6.03
CA GLU B 285 -13.81 -9.07 6.17
C GLU B 285 -15.19 -9.32 5.57
N PHE B 286 -15.74 -8.32 4.91
CA PHE B 286 -17.03 -8.51 4.27
C PHE B 286 -17.15 -7.58 3.10
N GLN B 287 -18.21 -7.74 2.32
CA GLN B 287 -18.39 -6.90 1.18
C GLN B 287 -19.84 -6.69 0.85
N LEU B 288 -20.21 -5.43 0.69
CA LEU B 288 -21.57 -5.07 0.39
C LEU B 288 -21.90 -5.39 -1.06
N ALA B 289 -23.09 -5.91 -1.28
CA ALA B 289 -23.56 -6.26 -2.61
C ALA B 289 -24.12 -5.02 -3.28
N SER B 290 -24.03 -4.97 -4.60
CA SER B 290 -24.50 -3.84 -5.39
C SER B 290 -25.81 -3.26 -4.90
N GLU B 291 -26.79 -4.14 -4.70
CA GLU B 291 -28.10 -3.70 -4.25
C GLU B 291 -28.03 -2.97 -2.94
N ASP B 292 -27.14 -3.42 -2.07
CA ASP B 292 -26.97 -2.79 -0.77
C ASP B 292 -26.26 -1.45 -0.88
N MET B 293 -25.35 -1.33 -1.82
CA MET B 293 -24.66 -0.07 -2.02
C MET B 293 -25.69 0.93 -2.52
N LYS B 294 -26.53 0.52 -3.46
CA LYS B 294 -27.57 1.38 -4.01
C LYS B 294 -28.54 1.83 -2.95
N ALA B 295 -28.76 0.98 -1.94
CA ALA B 295 -29.67 1.28 -0.84
C ALA B 295 -29.10 2.39 0.00
N LEU B 296 -27.82 2.22 0.37
CA LEU B 296 -27.10 3.17 1.20
C LEU B 296 -26.92 4.50 0.46
N ASP B 297 -26.73 4.44 -0.87
CA ASP B 297 -26.58 5.63 -1.72
C ASP B 297 -27.85 6.48 -1.63
N GLY B 298 -28.97 5.80 -1.38
CA GLY B 298 -30.25 6.46 -1.27
C GLY B 298 -30.47 7.18 0.05
N LEU B 299 -29.61 6.94 1.04
CA LEU B 299 -29.75 7.61 2.34
C LEU B 299 -29.31 9.05 2.31
N ASN B 300 -28.64 9.44 1.22
CA ASN B 300 -28.14 10.79 1.07
C ASN B 300 -29.21 11.86 1.18
N ARG B 301 -28.94 12.87 2.00
CA ARG B 301 -29.87 13.97 2.16
C ARG B 301 -29.15 15.32 2.24
N ASN B 302 -27.93 15.37 1.70
CA ASN B 302 -27.07 16.56 1.71
C ASN B 302 -27.05 17.29 3.02
N PHE B 303 -26.80 16.55 4.10
CA PHE B 303 -26.78 17.09 5.44
C PHE B 303 -25.36 17.22 6.05
N ARG B 304 -25.01 18.43 6.45
CA ARG B 304 -23.71 18.69 7.06
C ARG B 304 -23.76 18.82 8.57
N TYR B 305 -22.88 18.09 9.23
CA TYR B 305 -22.72 18.17 10.67
C TYR B 305 -21.72 19.33 10.89
N ASN B 306 -20.86 19.58 9.89
CA ASN B 306 -19.85 20.63 9.93
C ASN B 306 -20.15 21.76 8.93
N ASN B 307 -20.86 22.78 9.41
CA ASN B 307 -21.28 23.94 8.61
C ASN B 307 -20.25 25.06 8.51
N ALA B 308 -19.22 25.01 9.37
CA ALA B 308 -18.16 26.01 9.40
C ALA B 308 -18.76 27.39 9.60
N LYS B 309 -19.71 27.48 10.52
CA LYS B 309 -20.36 28.74 10.82
C LYS B 309 -19.48 29.61 11.71
N TYR B 310 -18.42 29.01 12.25
CA TYR B 310 -17.44 29.73 13.07
C TYR B 310 -16.58 30.60 12.16
N PHE B 311 -16.81 30.50 10.86
CA PHE B 311 -16.10 31.31 9.89
C PHE B 311 -17.03 32.39 9.41
N ASP B 312 -18.14 32.54 10.12
CA ASP B 312 -19.15 33.55 9.82
C ASP B 312 -19.44 33.71 8.33
N ASP B 313 -19.27 34.94 7.84
CA ASP B 313 -19.55 35.29 6.45
C ASP B 313 -18.32 35.52 5.58
N HIS B 314 -17.25 34.77 5.85
CA HIS B 314 -16.02 34.91 5.08
C HIS B 314 -16.36 34.89 3.61
N PRO B 315 -15.83 35.84 2.84
CA PRO B 315 -16.12 35.89 1.41
C PRO B 315 -15.77 34.59 0.68
N ASN B 316 -14.83 33.83 1.23
CA ASN B 316 -14.40 32.57 0.62
C ASN B 316 -14.99 31.30 1.22
N HIS B 317 -16.12 31.41 1.92
CA HIS B 317 -16.76 30.26 2.56
C HIS B 317 -17.06 29.20 1.50
N PRO B 318 -16.57 27.96 1.71
CA PRO B 318 -16.77 26.87 0.76
C PRO B 318 -18.20 26.36 0.66
N PHE B 319 -18.92 26.40 1.77
CA PHE B 319 -20.32 25.95 1.81
C PHE B 319 -21.21 27.20 1.80
#